data_8TLC
#
_entry.id   8TLC
#
_cell.length_a   158.718
_cell.length_b   158.718
_cell.length_c   207.155
_cell.angle_alpha   90.00
_cell.angle_beta   90.00
_cell.angle_gamma   120.00
#
_symmetry.space_group_name_H-M   'P 65 2 2'
#
loop_
_entity.id
_entity.type
_entity.pdbx_description
1 polymer 'Serine hydroxymethyltransferase, mitochondrial'
2 non-polymer 'N-{4-[4-(2-amino-4-oxo-1,4-dihydro-5H-pyrrolo[3,2-d]pyrimidin-5-yl)butyl]-2-fluorobenzoyl}-D-gamma-glutamyl-L-gamma-glutamyl-D-glutamic acid'
3 water water
#
_entity_poly.entity_id   1
_entity_poly.type   'polypeptide(L)'
_entity_poly.pdbx_seq_one_letter_code
;MGSSHHHHHHSSGLVPRSNAAQTQTGEANRGWTGQESLSDSDPEMWELLQREKDRQCRGLELIASENFCSRAALEALGSC
LNNKYSEGYPGKRYYGGAEVVDEIELLCQRRALEAFDLDPAQWGVNVQPYSGSPANLAVYTALLQPHDRIMGLDLPDGGH
LTHGYMSDVKRISATSIFFESMPYKLNPKTGLIDYNQLALTARLFRPRLIIAGTSAYARLIDYARMREVCDEVKAHLLAD
MAHISGLVAAKVIPSPFKHADIVTTTTH(LLP)TLRGARSGLIFYRKGVKAVDPKTGREIPYTFEDRINFAVFPSLQGGP
HNHAIAAVAVALKQACTPMFREYSLQVLKNARAMADALLERGYSLVSGGTDNHLVLVDLRPKGLDGARAERVLELVSITA
NKNTCPGDRSAITPGGLRLGAPALTSRQFREDDFRRVVDFIDEGVNIGLEVKSKTAKLQDFKSFLLKDSETSQRLANLRQ
RVEQFARAFPMPGFDEH
;
_entity_poly.pdbx_strand_id   A,B
#
loop_
_chem_comp.id
_chem_comp.type
_chem_comp.name
_chem_comp.formula
I6I non-polymer 'N-{4-[4-(2-amino-4-oxo-1,4-dihydro-5H-pyrrolo[3,2-d]pyrimidin-5-yl)butyl]-2-fluorobenzoyl}-D-gamma-glutamyl-L-gamma-glutamyl-D-glutamic acid' 'C32 H38 F N7 O12'
#
# COMPACT_ATOMS: atom_id res chain seq x y z
N TRP A 32 26.74 10.18 -9.61
CA TRP A 32 25.32 9.96 -9.33
C TRP A 32 24.78 11.03 -8.40
N THR A 33 23.72 11.71 -8.83
CA THR A 33 23.12 12.80 -8.06
C THR A 33 21.76 12.47 -7.48
N GLY A 34 20.96 11.65 -8.16
CA GLY A 34 19.62 11.32 -7.72
C GLY A 34 18.53 12.10 -8.41
N GLN A 35 18.87 13.01 -9.32
CA GLN A 35 17.90 13.83 -10.04
C GLN A 35 17.97 13.60 -11.55
N GLU A 36 18.51 12.45 -11.98
CA GLU A 36 18.57 12.14 -13.40
C GLU A 36 17.19 11.74 -13.92
N SER A 37 16.98 11.95 -15.21
CA SER A 37 15.72 11.60 -15.85
C SER A 37 15.60 10.09 -15.96
N LEU A 38 14.35 9.60 -15.85
CA LEU A 38 14.11 8.18 -15.97
C LEU A 38 14.51 7.66 -17.36
N SER A 39 14.39 8.50 -18.39
CA SER A 39 14.66 8.05 -19.76
C SER A 39 16.12 7.64 -19.93
N ASP A 40 17.05 8.33 -19.27
CA ASP A 40 18.46 8.04 -19.39
C ASP A 40 19.04 7.27 -18.21
N SER A 41 18.42 7.35 -17.03
CA SER A 41 18.91 6.59 -15.89
C SER A 41 18.63 5.10 -16.07
N ASP A 42 17.44 4.76 -16.56
CA ASP A 42 17.07 3.37 -16.83
C ASP A 42 16.20 3.34 -18.07
N PRO A 43 16.81 3.31 -19.26
CA PRO A 43 16.02 3.20 -20.49
C PRO A 43 15.25 1.89 -20.60
N GLU A 44 15.64 0.87 -19.83
CA GLU A 44 14.91 -0.39 -19.85
C GLU A 44 13.52 -0.25 -19.25
N MET A 45 13.36 0.60 -18.24
CA MET A 45 12.04 0.85 -17.69
C MET A 45 11.30 1.96 -18.43
N TRP A 46 12.01 2.99 -18.89
CA TRP A 46 11.42 3.95 -19.80
C TRP A 46 10.87 3.23 -21.03
N GLU A 47 11.53 2.15 -21.44
CA GLU A 47 11.00 1.29 -22.48
C GLU A 47 9.58 0.84 -22.16
N LEU A 48 9.40 0.18 -21.02
CA LEU A 48 8.11 -0.37 -20.63
C LEU A 48 7.16 0.67 -20.03
N LEU A 49 7.64 1.85 -19.68
CA LEU A 49 6.76 2.86 -19.09
C LEU A 49 5.82 3.45 -20.14
N GLN A 50 6.37 3.90 -21.26
CA GLN A 50 5.54 4.46 -22.32
C GLN A 50 5.03 3.40 -23.28
N ARG A 51 5.49 2.15 -23.14
CA ARG A 51 4.85 1.04 -23.84
C ARG A 51 3.54 0.66 -23.19
N GLU A 52 3.41 0.91 -21.89
CA GLU A 52 2.12 0.75 -21.22
C GLU A 52 1.25 1.99 -21.42
N LYS A 53 1.87 3.17 -21.38
CA LYS A 53 1.14 4.39 -21.74
C LYS A 53 0.61 4.31 -23.16
N ASP A 54 1.36 3.65 -24.06
CA ASP A 54 0.82 3.36 -25.38
C ASP A 54 -0.37 2.43 -25.25
N ARG A 55 -0.19 1.32 -24.53
CA ARG A 55 -1.23 0.30 -24.44
C ARG A 55 -2.49 0.82 -23.78
N GLN A 56 -2.36 1.82 -22.89
CA GLN A 56 -3.56 2.41 -22.29
C GLN A 56 -4.29 3.32 -23.28
N CYS A 57 -3.55 3.93 -24.22
CA CYS A 57 -4.14 4.65 -25.34
C CYS A 57 -4.42 3.69 -26.49
N ARG A 58 -3.57 2.67 -26.63
CA ARG A 58 -3.69 1.70 -27.70
C ARG A 58 -4.95 0.86 -27.57
N GLY A 59 -5.45 0.66 -26.35
CA GLY A 59 -6.56 -0.26 -26.14
C GLY A 59 -7.81 0.37 -25.54
N LEU A 60 -8.94 -0.32 -25.70
CA LEU A 60 -10.20 0.10 -25.10
C LEU A 60 -10.32 -0.60 -23.74
N GLU A 61 -9.88 0.09 -22.70
CA GLU A 61 -9.98 -0.44 -21.33
C GLU A 61 -11.45 -0.45 -20.92
N LEU A 62 -12.03 -1.65 -20.83
CA LEU A 62 -13.42 -1.81 -20.40
C LEU A 62 -13.54 -2.42 -19.01
N ILE A 63 -12.44 -2.45 -18.24
CA ILE A 63 -12.50 -2.94 -16.87
C ILE A 63 -13.27 -1.95 -16.00
N ALA A 64 -14.15 -2.48 -15.16
CA ALA A 64 -15.00 -1.62 -14.33
C ALA A 64 -14.19 -0.90 -13.26
N SER A 65 -13.30 -1.62 -12.58
CA SER A 65 -12.55 -1.04 -11.47
C SER A 65 -11.45 -0.09 -11.91
N GLU A 66 -11.18 0.02 -13.21
CA GLU A 66 -10.04 0.78 -13.69
C GLU A 66 -10.48 2.18 -14.13
N ASN A 67 -9.61 3.16 -13.88
CA ASN A 67 -9.82 4.53 -14.32
C ASN A 67 -8.48 5.12 -14.72
N PHE A 68 -8.52 6.32 -15.27
CA PHE A 68 -7.32 7.04 -15.69
C PHE A 68 -7.14 8.24 -14.78
N CYS A 69 -6.13 8.19 -13.92
CA CYS A 69 -5.92 9.20 -12.92
C CYS A 69 -5.48 10.52 -13.56
N SER A 70 -5.69 11.61 -12.83
CA SER A 70 -5.38 12.94 -13.33
C SER A 70 -3.89 13.23 -13.22
N ARG A 71 -3.41 14.12 -14.09
CA ARG A 71 -2.01 14.53 -14.05
C ARG A 71 -1.68 15.22 -12.74
N ALA A 72 -2.61 16.00 -12.20
CA ALA A 72 -2.37 16.71 -10.96
C ALA A 72 -2.10 15.75 -9.81
N ALA A 73 -2.77 14.60 -9.80
CA ALA A 73 -2.55 13.63 -8.74
C ALA A 73 -1.30 12.81 -8.99
N LEU A 74 -0.99 12.51 -10.25
CA LEU A 74 0.23 11.76 -10.57
C LEU A 74 1.47 12.55 -10.18
N GLU A 75 1.42 13.89 -10.27
CA GLU A 75 2.56 14.69 -9.84
C GLU A 75 2.75 14.60 -8.33
N ALA A 76 1.66 14.60 -7.56
CA ALA A 76 1.76 14.45 -6.12
C ALA A 76 2.02 13.00 -5.72
N LEU A 77 1.55 12.04 -6.53
CA LEU A 77 1.76 10.63 -6.21
C LEU A 77 3.23 10.25 -6.26
N GLY A 78 3.96 10.77 -7.25
CA GLY A 78 5.38 10.52 -7.33
C GLY A 78 6.21 11.69 -6.86
N SER A 79 5.75 12.34 -5.80
CA SER A 79 6.39 13.54 -5.29
C SER A 79 7.41 13.18 -4.21
N CYS A 80 7.99 14.21 -3.59
CA CYS A 80 8.95 14.01 -2.50
C CYS A 80 8.28 13.58 -1.20
N LEU A 81 6.95 13.48 -1.16
CA LEU A 81 6.27 13.03 0.04
C LEU A 81 6.52 11.56 0.33
N ASN A 82 7.12 10.82 -0.60
CA ASN A 82 7.56 9.46 -0.31
C ASN A 82 8.71 9.45 0.67
N ASN A 83 9.47 10.54 0.76
CA ASN A 83 10.63 10.64 1.65
C ASN A 83 10.25 11.20 3.02
N LYS A 84 9.04 10.95 3.48
CA LYS A 84 8.60 11.42 4.80
C LYS A 84 7.95 10.25 5.53
N TYR A 85 8.62 9.75 6.57
CA TYR A 85 8.08 8.71 7.43
C TYR A 85 7.29 9.36 8.54
N SER A 86 5.96 9.22 8.49
CA SER A 86 5.08 9.89 9.44
C SER A 86 4.22 8.90 10.20
N GLU A 87 4.85 7.89 10.81
CA GLU A 87 4.12 6.91 11.61
C GLU A 87 3.43 7.61 12.78
N GLY A 88 2.14 7.91 12.61
CA GLY A 88 1.42 8.66 13.61
C GLY A 88 0.05 9.07 13.09
N TYR A 89 -0.39 10.24 13.52
CA TYR A 89 -1.71 10.76 13.17
C TYR A 89 -1.68 12.27 13.32
N PRO A 90 -2.59 12.99 12.64
CA PRO A 90 -2.55 14.46 12.66
C PRO A 90 -2.60 15.02 14.07
N GLY A 91 -1.46 15.54 14.54
CA GLY A 91 -1.32 16.02 15.90
C GLY A 91 -0.90 14.97 16.91
N LYS A 92 -1.05 13.70 16.59
CA LYS A 92 -0.66 12.60 17.47
C LYS A 92 0.33 11.71 16.72
N ARG A 93 1.51 12.24 16.43
CA ARG A 93 2.56 11.50 15.74
C ARG A 93 3.68 11.18 16.73
N TYR A 94 4.16 9.94 16.71
CA TYR A 94 5.24 9.50 17.56
C TYR A 94 6.61 9.94 17.07
N TYR A 95 6.69 10.57 15.91
CA TYR A 95 7.95 10.94 15.28
C TYR A 95 8.17 12.44 15.46
N GLY A 96 8.44 13.21 14.42
CA GLY A 96 8.72 14.63 14.56
C GLY A 96 9.01 15.23 13.21
N GLY A 97 9.02 16.56 13.17
CA GLY A 97 9.19 17.25 11.93
C GLY A 97 8.02 17.12 10.97
N ALA A 98 6.88 16.67 11.46
CA ALA A 98 5.68 16.47 10.65
C ALA A 98 4.84 17.73 10.53
N GLU A 99 5.46 18.91 10.42
CA GLU A 99 4.69 20.14 10.33
C GLU A 99 3.88 20.19 9.04
N VAL A 100 4.57 20.21 7.90
CA VAL A 100 3.87 20.34 6.63
C VAL A 100 3.15 19.04 6.25
N VAL A 101 3.79 17.88 6.46
CA VAL A 101 3.20 16.61 6.03
C VAL A 101 1.88 16.35 6.76
N ASP A 102 1.72 16.91 7.96
CA ASP A 102 0.44 16.81 8.66
C ASP A 102 -0.66 17.49 7.85
N GLU A 103 -0.39 18.71 7.36
CA GLU A 103 -1.45 19.54 6.79
C GLU A 103 -2.07 18.92 5.55
N ILE A 104 -1.33 18.10 4.80
CA ILE A 104 -1.95 17.37 3.71
C ILE A 104 -2.93 16.32 4.24
N GLU A 105 -2.60 15.66 5.34
CA GLU A 105 -3.51 14.72 5.97
C GLU A 105 -4.83 15.39 6.36
N LEU A 106 -4.77 16.44 7.19
CA LEU A 106 -6.00 17.06 7.67
C LEU A 106 -6.79 17.69 6.52
N LEU A 107 -6.10 18.19 5.49
CA LEU A 107 -6.80 18.72 4.33
C LEU A 107 -7.44 17.57 3.54
N CYS A 108 -6.76 16.43 3.47
CA CYS A 108 -7.37 15.24 2.89
C CYS A 108 -8.58 14.79 3.70
N GLN A 109 -8.52 14.94 5.03
CA GLN A 109 -9.69 14.66 5.86
C GLN A 109 -10.85 15.58 5.48
N ARG A 110 -10.60 16.89 5.48
CA ARG A 110 -11.65 17.85 5.17
C ARG A 110 -12.19 17.67 3.76
N ARG A 111 -11.31 17.39 2.79
CA ARG A 111 -11.77 17.21 1.41
C ARG A 111 -12.54 15.91 1.24
N ALA A 112 -12.23 14.88 2.02
CA ALA A 112 -13.00 13.64 1.96
C ALA A 112 -14.39 13.84 2.55
N LEU A 113 -14.49 14.58 3.65
CA LEU A 113 -15.79 14.88 4.24
C LEU A 113 -16.60 15.85 3.39
N GLU A 114 -15.94 16.57 2.48
CA GLU A 114 -16.62 17.51 1.59
C GLU A 114 -17.03 16.87 0.28
N ALA A 115 -16.29 15.86 -0.20
CA ALA A 115 -16.64 15.18 -1.43
C ALA A 115 -17.90 14.33 -1.30
N PHE A 116 -18.27 13.93 -0.08
CA PHE A 116 -19.47 13.12 0.12
C PHE A 116 -20.48 13.82 1.02
N ASP A 117 -20.34 15.13 1.22
CA ASP A 117 -21.24 15.94 2.05
C ASP A 117 -21.52 15.29 3.40
N LEU A 118 -20.48 15.29 4.25
CA LEU A 118 -20.60 14.87 5.64
C LEU A 118 -20.09 15.99 6.54
N ASP A 119 -20.93 16.46 7.43
CA ASP A 119 -20.50 17.51 8.34
C ASP A 119 -19.53 16.88 9.34
N PRO A 120 -18.38 17.51 9.61
CA PRO A 120 -17.34 16.85 10.43
C PRO A 120 -17.77 16.50 11.85
N ALA A 121 -18.88 17.02 12.36
CA ALA A 121 -19.33 16.67 13.70
C ALA A 121 -20.12 15.37 13.74
N GLN A 122 -20.57 14.86 12.59
CA GLN A 122 -21.30 13.62 12.51
C GLN A 122 -20.51 12.47 11.90
N TRP A 123 -19.51 12.78 11.07
CA TRP A 123 -18.74 11.77 10.36
C TRP A 123 -17.25 12.04 10.52
N GLY A 124 -16.48 10.96 10.48
CA GLY A 124 -15.03 11.05 10.46
C GLY A 124 -14.48 10.14 9.39
N VAL A 125 -13.25 10.44 8.97
CA VAL A 125 -12.62 9.70 7.88
C VAL A 125 -11.15 9.48 8.20
N ASN A 126 -10.64 8.31 7.84
CA ASN A 126 -9.24 7.95 7.97
C ASN A 126 -8.65 7.79 6.58
N VAL A 127 -7.49 8.41 6.34
CA VAL A 127 -6.95 8.52 4.99
C VAL A 127 -5.60 7.82 4.86
N GLN A 128 -5.26 6.95 5.80
CA GLN A 128 -4.02 6.18 5.73
C GLN A 128 -4.09 4.78 5.11
N PRO A 129 -5.25 4.14 4.90
CA PRO A 129 -5.23 2.79 4.31
C PRO A 129 -4.48 2.75 2.97
N TYR A 130 -3.59 1.77 2.82
CA TYR A 130 -2.78 1.69 1.59
C TYR A 130 -3.65 1.42 0.37
N SER A 131 -4.75 0.68 0.54
CA SER A 131 -5.65 0.41 -0.57
C SER A 131 -7.04 0.13 -0.01
N GLY A 132 -7.90 -0.47 -0.82
CA GLY A 132 -9.24 -0.80 -0.39
C GLY A 132 -9.28 -2.06 0.45
N SER A 133 -8.45 -3.05 0.09
CA SER A 133 -8.41 -4.28 0.86
C SER A 133 -7.88 -4.05 2.28
N PRO A 134 -6.76 -3.33 2.50
CA PRO A 134 -6.37 -3.04 3.88
C PRO A 134 -7.38 -2.17 4.61
N ALA A 135 -8.17 -1.38 3.88
CA ALA A 135 -9.21 -0.57 4.52
C ALA A 135 -10.33 -1.46 5.06
N ASN A 136 -10.69 -2.51 4.32
CA ASN A 136 -11.77 -3.40 4.76
C ASN A 136 -11.34 -4.23 5.97
N LEU A 137 -10.13 -4.79 5.92
CA LEU A 137 -9.65 -5.59 7.04
C LEU A 137 -9.40 -4.73 8.27
N ALA A 138 -9.13 -3.44 8.08
CA ALA A 138 -8.92 -2.55 9.22
C ALA A 138 -10.19 -2.41 10.04
N VAL A 139 -11.34 -2.26 9.37
CA VAL A 139 -12.61 -2.14 10.07
C VAL A 139 -12.93 -3.43 10.82
N TYR A 140 -12.49 -4.57 10.31
CA TYR A 140 -12.72 -5.84 11.00
C TYR A 140 -11.89 -5.94 12.27
N THR A 141 -10.60 -5.62 12.16
CA THR A 141 -9.73 -5.61 13.33
C THR A 141 -10.15 -4.53 14.33
N ALA A 142 -10.88 -3.51 13.89
CA ALA A 142 -11.25 -2.41 14.78
C ALA A 142 -12.48 -2.74 15.61
N LEU A 143 -13.50 -3.32 15.00
CA LEU A 143 -14.77 -3.56 15.68
C LEU A 143 -15.01 -5.01 16.05
N LEU A 144 -14.43 -5.96 15.32
CA LEU A 144 -14.65 -7.37 15.55
C LEU A 144 -13.44 -8.01 16.20
N GLN A 145 -13.71 -9.00 17.05
CA GLN A 145 -12.66 -9.83 17.63
C GLN A 145 -12.32 -10.98 16.67
N PRO A 146 -11.14 -11.56 16.80
CA PRO A 146 -10.80 -12.71 15.96
C PRO A 146 -11.83 -13.82 16.08
N HIS A 147 -12.16 -14.43 14.92
CA HIS A 147 -13.15 -15.48 14.75
C HIS A 147 -14.58 -15.01 14.97
N ASP A 148 -14.81 -13.70 15.10
CA ASP A 148 -16.16 -13.20 15.03
C ASP A 148 -16.71 -13.42 13.61
N ARG A 149 -18.00 -13.16 13.43
CA ARG A 149 -18.69 -13.58 12.23
C ARG A 149 -19.03 -12.39 11.33
N ILE A 150 -18.92 -12.63 10.03
CA ILE A 150 -19.07 -11.61 8.99
C ILE A 150 -20.05 -12.17 7.96
N MET A 151 -20.78 -11.27 7.29
CA MET A 151 -21.60 -11.65 6.16
C MET A 151 -21.33 -10.75 4.99
N GLY A 152 -21.14 -11.34 3.82
CA GLY A 152 -20.76 -10.60 2.62
C GLY A 152 -21.28 -11.29 1.39
N LEU A 153 -21.63 -10.50 0.37
CA LEU A 153 -22.04 -11.03 -0.91
C LEU A 153 -20.94 -11.91 -1.49
N ASP A 154 -21.30 -13.14 -1.86
CA ASP A 154 -20.32 -14.10 -2.36
C ASP A 154 -19.61 -13.55 -3.60
N LEU A 155 -18.33 -13.91 -3.73
CA LEU A 155 -17.56 -13.49 -4.90
C LEU A 155 -18.14 -13.98 -6.22
N PRO A 156 -18.52 -15.27 -6.38
CA PRO A 156 -19.16 -15.67 -7.64
C PRO A 156 -20.59 -15.16 -7.76
N ASP A 157 -20.94 -14.20 -6.91
CA ASP A 157 -22.27 -13.60 -6.93
C ASP A 157 -22.23 -12.07 -6.93
N GLY A 158 -21.04 -11.46 -6.99
CA GLY A 158 -20.98 -10.01 -7.10
C GLY A 158 -20.19 -9.30 -6.02
N GLY A 159 -19.43 -10.05 -5.22
CA GLY A 159 -18.69 -9.48 -4.11
C GLY A 159 -17.18 -9.56 -4.30
N HIS A 160 -16.47 -8.89 -3.40
CA HIS A 160 -15.02 -8.89 -3.38
C HIS A 160 -14.51 -9.95 -2.41
N LEU A 161 -13.19 -10.10 -2.36
CA LEU A 161 -12.59 -11.07 -1.44
C LEU A 161 -12.58 -10.56 -0.01
N THR A 162 -12.41 -9.24 0.16
CA THR A 162 -12.44 -8.63 1.50
C THR A 162 -13.77 -8.84 2.20
N HIS A 163 -14.83 -9.21 1.48
CA HIS A 163 -16.13 -9.41 2.09
C HIS A 163 -16.27 -10.77 2.75
N GLY A 164 -15.26 -11.63 2.65
CA GLY A 164 -15.33 -12.95 3.24
C GLY A 164 -15.73 -14.02 2.26
N TYR A 165 -14.77 -14.52 1.48
CA TYR A 165 -15.02 -15.55 0.48
C TYR A 165 -14.19 -16.78 0.81
N MET A 166 -14.87 -17.89 1.09
CA MET A 166 -14.25 -19.19 1.20
C MET A 166 -14.65 -20.05 0.00
N SER A 167 -13.70 -20.81 -0.51
CA SER A 167 -14.05 -21.84 -1.47
C SER A 167 -14.56 -23.06 -0.72
N ASP A 168 -15.18 -23.99 -1.45
CA ASP A 168 -15.72 -25.18 -0.83
C ASP A 168 -14.65 -26.20 -0.47
N VAL A 169 -13.38 -25.80 -0.46
CA VAL A 169 -12.28 -26.68 -0.11
C VAL A 169 -11.24 -25.92 0.72
N LYS A 170 -11.27 -24.59 0.65
CA LYS A 170 -10.21 -23.80 1.25
C LYS A 170 -10.71 -22.40 1.56
N ARG A 171 -10.21 -21.82 2.65
CA ARG A 171 -10.39 -20.41 2.93
C ARG A 171 -9.28 -19.64 2.24
N ILE A 172 -9.64 -18.76 1.31
CA ILE A 172 -8.66 -18.12 0.44
C ILE A 172 -8.37 -16.69 0.87
N SER A 173 -9.39 -15.90 1.15
CA SER A 173 -9.19 -14.51 1.56
C SER A 173 -8.93 -14.46 3.07
N ALA A 174 -8.06 -13.52 3.47
CA ALA A 174 -7.72 -13.37 4.87
C ALA A 174 -8.91 -12.95 5.72
N THR A 175 -9.90 -12.29 5.11
CA THR A 175 -11.13 -11.99 5.84
C THR A 175 -11.88 -13.25 6.25
N SER A 176 -11.61 -14.37 5.57
CA SER A 176 -12.23 -15.65 5.91
C SER A 176 -11.37 -16.54 6.80
N ILE A 177 -10.10 -16.20 6.99
CA ILE A 177 -9.23 -16.98 7.87
C ILE A 177 -9.24 -16.43 9.29
N PHE A 178 -9.09 -15.11 9.43
CA PHE A 178 -9.07 -14.50 10.75
C PHE A 178 -10.47 -14.21 11.29
N PHE A 179 -11.47 -14.16 10.41
CA PHE A 179 -12.86 -13.96 10.80
C PHE A 179 -13.72 -15.00 10.09
N GLU A 180 -14.58 -15.67 10.84
CA GLU A 180 -15.54 -16.58 10.24
C GLU A 180 -16.56 -15.77 9.44
N SER A 181 -17.01 -16.34 8.31
CA SER A 181 -17.94 -15.61 7.46
C SER A 181 -18.76 -16.58 6.61
N MET A 182 -19.88 -16.07 6.10
CA MET A 182 -20.80 -16.84 5.29
C MET A 182 -21.36 -15.93 4.21
N PRO A 183 -21.51 -16.45 2.99
CA PRO A 183 -22.02 -15.61 1.90
C PRO A 183 -23.54 -15.42 1.95
N TYR A 184 -23.99 -14.31 1.36
CA TYR A 184 -25.40 -14.08 1.08
C TYR A 184 -25.53 -13.88 -0.43
N LYS A 185 -26.22 -14.81 -1.09
CA LYS A 185 -26.26 -14.88 -2.55
C LYS A 185 -27.42 -14.04 -3.09
N LEU A 186 -27.61 -14.07 -4.41
CA LEU A 186 -28.68 -13.33 -5.05
C LEU A 186 -29.74 -14.28 -5.57
N ASN A 187 -30.89 -13.70 -5.89
CA ASN A 187 -31.97 -14.45 -6.52
C ASN A 187 -31.52 -14.81 -7.94
N PRO A 188 -31.31 -16.08 -8.25
CA PRO A 188 -30.70 -16.43 -9.55
C PRO A 188 -31.57 -16.14 -10.75
N LYS A 189 -32.83 -15.76 -10.56
CA LYS A 189 -33.73 -15.39 -11.64
C LYS A 189 -34.31 -14.00 -11.41
N THR A 190 -33.45 -13.09 -10.95
CA THR A 190 -33.86 -11.73 -10.66
C THR A 190 -32.63 -10.83 -10.76
N GLY A 191 -31.48 -11.37 -10.40
CA GLY A 191 -30.24 -10.64 -10.50
C GLY A 191 -30.03 -9.62 -9.40
N LEU A 192 -31.01 -9.42 -8.53
CA LEU A 192 -30.91 -8.51 -7.41
C LEU A 192 -30.52 -9.26 -6.14
N ILE A 193 -30.00 -8.52 -5.18
CA ILE A 193 -29.57 -9.11 -3.92
C ILE A 193 -30.78 -9.67 -3.20
N ASP A 194 -30.75 -10.97 -2.91
CA ASP A 194 -31.84 -11.57 -2.15
C ASP A 194 -31.81 -11.05 -0.73
N TYR A 195 -32.54 -9.97 -0.47
CA TYR A 195 -32.62 -9.41 0.88
C TYR A 195 -33.53 -10.20 1.80
N ASN A 196 -34.16 -11.27 1.29
CA ASN A 196 -34.95 -12.18 2.10
C ASN A 196 -34.08 -13.31 2.67
N GLN A 197 -33.31 -13.98 1.82
CA GLN A 197 -32.36 -15.00 2.28
C GLN A 197 -31.15 -14.39 2.99
N LEU A 198 -31.20 -13.08 3.24
CA LEU A 198 -30.18 -12.39 4.01
C LEU A 198 -30.64 -12.19 5.45
N ALA A 199 -31.81 -11.57 5.64
CA ALA A 199 -32.34 -11.40 6.99
C ALA A 199 -32.70 -12.74 7.62
N LEU A 200 -33.04 -13.74 6.80
CA LEU A 200 -33.31 -15.06 7.34
C LEU A 200 -32.04 -15.71 7.89
N THR A 201 -31.05 -15.92 7.02
CA THR A 201 -29.81 -16.56 7.45
C THR A 201 -29.03 -15.72 8.45
N ALA A 202 -29.30 -14.42 8.53
CA ALA A 202 -28.63 -13.58 9.53
C ALA A 202 -29.13 -13.93 10.92
N ARG A 203 -30.46 -14.06 11.08
CA ARG A 203 -31.01 -14.49 12.35
C ARG A 203 -30.49 -15.87 12.74
N LEU A 204 -30.13 -16.69 11.76
CA LEU A 204 -29.56 -18.00 11.99
C LEU A 204 -28.04 -17.97 12.13
N PHE A 205 -27.41 -16.82 11.93
CA PHE A 205 -25.96 -16.70 11.96
C PHE A 205 -25.45 -15.71 13.00
N ARG A 206 -26.27 -14.76 13.44
CA ARG A 206 -25.91 -13.75 14.43
C ARG A 206 -24.56 -13.13 14.13
N PRO A 207 -24.37 -12.48 12.98
CA PRO A 207 -23.08 -11.89 12.66
C PRO A 207 -22.87 -10.59 13.41
N ARG A 208 -21.61 -10.18 13.48
CA ARG A 208 -21.24 -8.93 14.14
C ARG A 208 -21.09 -7.77 13.17
N LEU A 209 -20.96 -8.04 11.87
CA LEU A 209 -20.88 -7.00 10.87
C LEU A 209 -21.32 -7.57 9.54
N ILE A 210 -22.11 -6.79 8.81
CA ILE A 210 -22.53 -7.15 7.45
C ILE A 210 -21.94 -6.11 6.52
N ILE A 211 -21.69 -6.51 5.27
CA ILE A 211 -21.12 -5.63 4.26
C ILE A 211 -22.16 -5.38 3.19
N ALA A 212 -22.28 -4.12 2.78
CA ALA A 212 -23.06 -3.78 1.60
C ALA A 212 -22.09 -3.35 0.52
N GLY A 213 -21.18 -4.25 0.17
CA GLY A 213 -20.09 -3.97 -0.76
C GLY A 213 -20.31 -4.76 -2.03
N THR A 214 -19.98 -4.13 -3.16
CA THR A 214 -20.23 -4.74 -4.46
C THR A 214 -19.02 -4.66 -5.37
N SER A 215 -18.72 -5.76 -6.06
CA SER A 215 -17.68 -5.77 -7.09
C SER A 215 -18.20 -6.05 -8.50
N ALA A 216 -19.32 -6.77 -8.65
CA ALA A 216 -19.86 -7.09 -9.98
C ALA A 216 -21.37 -7.27 -9.86
N TYR A 217 -22.08 -6.14 -9.82
CA TYR A 217 -23.54 -6.13 -9.68
C TYR A 217 -24.03 -4.82 -10.26
N ALA A 218 -24.95 -4.90 -11.22
CA ALA A 218 -25.30 -3.77 -12.07
C ALA A 218 -26.33 -2.83 -11.46
N ARG A 219 -26.90 -3.17 -10.32
CA ARG A 219 -27.95 -2.34 -9.73
C ARG A 219 -27.44 -1.78 -8.40
N LEU A 220 -28.35 -1.12 -7.68
CA LEU A 220 -28.01 -0.40 -6.47
C LEU A 220 -28.41 -1.22 -5.25
N ILE A 221 -27.64 -1.07 -4.18
CA ILE A 221 -27.90 -1.79 -2.94
C ILE A 221 -28.92 -1.02 -2.13
N ASP A 222 -29.94 -1.74 -1.65
CA ASP A 222 -30.92 -1.15 -0.75
C ASP A 222 -30.28 -1.04 0.64
N TYR A 223 -29.74 0.13 0.94
CA TYR A 223 -29.00 0.32 2.18
C TYR A 223 -29.94 0.33 3.38
N ALA A 224 -31.05 1.07 3.28
CA ALA A 224 -32.02 1.08 4.38
C ALA A 224 -32.54 -0.32 4.67
N ARG A 225 -32.69 -1.15 3.63
CA ARG A 225 -32.99 -2.56 3.84
C ARG A 225 -31.93 -3.22 4.71
N MET A 226 -30.67 -3.16 4.26
CA MET A 226 -29.59 -3.76 5.03
C MET A 226 -29.39 -3.06 6.37
N ARG A 227 -29.94 -1.85 6.51
CA ARG A 227 -29.93 -1.17 7.80
C ARG A 227 -30.90 -1.85 8.76
N GLU A 228 -32.08 -2.26 8.27
CA GLU A 228 -33.05 -2.91 9.14
C GLU A 228 -32.62 -4.32 9.52
N VAL A 229 -31.86 -5.00 8.66
CA VAL A 229 -31.31 -6.29 9.05
C VAL A 229 -30.16 -6.13 10.03
N CYS A 230 -29.38 -5.05 9.92
CA CYS A 230 -28.19 -4.90 10.75
C CYS A 230 -28.48 -4.41 12.17
N ASP A 231 -29.62 -3.76 12.41
CA ASP A 231 -29.99 -3.37 13.77
C ASP A 231 -30.95 -4.34 14.43
N GLU A 232 -31.63 -5.20 13.66
CA GLU A 232 -32.41 -6.27 14.26
C GLU A 232 -31.50 -7.33 14.88
N VAL A 233 -30.37 -7.62 14.24
CA VAL A 233 -29.40 -8.57 14.77
C VAL A 233 -28.30 -7.89 15.57
N LYS A 234 -28.32 -6.57 15.70
CA LYS A 234 -27.23 -5.79 16.27
C LYS A 234 -25.92 -6.17 15.59
N ALA A 235 -25.74 -5.66 14.38
CA ALA A 235 -24.49 -5.82 13.64
C ALA A 235 -24.13 -4.47 13.04
N HIS A 236 -22.84 -4.27 12.82
CA HIS A 236 -22.39 -3.04 12.18
C HIS A 236 -22.57 -3.17 10.67
N LEU A 237 -23.13 -2.12 10.06
CA LEU A 237 -23.32 -2.10 8.62
C LEU A 237 -22.18 -1.31 8.00
N LEU A 238 -21.47 -1.95 7.09
CA LEU A 238 -20.39 -1.35 6.35
C LEU A 238 -20.67 -1.47 4.87
N ALA A 239 -20.41 -0.40 4.12
CA ALA A 239 -20.55 -0.46 2.68
C ALA A 239 -19.17 -0.34 2.05
N ASP A 240 -19.09 -0.69 0.78
CA ASP A 240 -17.87 -0.52 0.00
C ASP A 240 -18.24 0.32 -1.22
N MET A 241 -17.91 1.61 -1.17
CA MET A 241 -18.12 2.50 -2.31
C MET A 241 -17.03 2.32 -3.34
N ALA A 242 -16.39 1.14 -3.38
CA ALA A 242 -15.24 0.94 -4.25
C ALA A 242 -15.62 1.20 -5.71
N HIS A 243 -16.75 0.67 -6.14
CA HIS A 243 -17.20 0.81 -7.52
C HIS A 243 -18.18 1.96 -7.71
N ILE A 244 -18.44 2.76 -6.68
CA ILE A 244 -19.47 3.81 -6.77
C ILE A 244 -19.07 5.04 -5.96
N SER A 245 -17.79 5.14 -5.59
CA SER A 245 -17.34 6.26 -4.76
C SER A 245 -17.62 7.60 -5.42
N GLY A 246 -17.19 7.77 -6.68
CA GLY A 246 -17.41 9.02 -7.36
C GLY A 246 -18.84 9.22 -7.79
N LEU A 247 -19.56 8.13 -8.03
CA LEU A 247 -20.99 8.24 -8.31
C LEU A 247 -21.73 8.76 -7.08
N VAL A 248 -21.30 8.33 -5.88
CA VAL A 248 -21.85 8.85 -4.65
C VAL A 248 -21.31 10.24 -4.36
N ALA A 249 -20.08 10.53 -4.81
CA ALA A 249 -19.48 11.83 -4.51
C ALA A 249 -20.16 12.93 -5.30
N ALA A 250 -20.56 12.64 -6.53
CA ALA A 250 -21.31 13.58 -7.35
C ALA A 250 -22.81 13.50 -7.10
N LYS A 251 -23.24 12.83 -6.02
CA LYS A 251 -24.65 12.68 -5.67
C LYS A 251 -25.46 12.11 -6.84
N VAL A 252 -24.75 11.41 -7.72
CA VAL A 252 -25.36 10.83 -8.92
C VAL A 252 -26.27 9.67 -8.55
N ILE A 253 -25.85 8.82 -7.62
CA ILE A 253 -26.66 7.70 -7.15
C ILE A 253 -26.88 7.88 -5.65
N PRO A 254 -27.92 7.26 -5.09
CA PRO A 254 -28.13 7.35 -3.65
C PRO A 254 -26.90 6.89 -2.88
N SER A 255 -26.67 7.52 -1.74
CA SER A 255 -25.47 7.30 -0.97
C SER A 255 -25.70 6.38 0.21
N PRO A 256 -24.67 5.70 0.70
CA PRO A 256 -24.80 4.87 1.90
C PRO A 256 -24.47 5.58 3.21
N PHE A 257 -24.23 6.89 3.16
CA PHE A 257 -23.79 7.64 4.33
C PHE A 257 -24.94 8.05 5.23
N LYS A 258 -26.16 7.59 4.94
CA LYS A 258 -27.30 7.78 5.82
C LYS A 258 -27.86 6.50 6.39
N HIS A 259 -27.36 5.33 5.97
CA HIS A 259 -27.87 4.05 6.42
C HIS A 259 -26.75 3.10 6.85
N ALA A 260 -25.55 3.63 7.13
CA ALA A 260 -24.42 2.79 7.47
C ALA A 260 -23.57 3.46 8.54
N ASP A 261 -22.99 2.63 9.41
CA ASP A 261 -22.12 3.13 10.47
C ASP A 261 -20.69 3.32 9.96
N ILE A 262 -20.18 2.37 9.20
CA ILE A 262 -18.88 2.46 8.57
C ILE A 262 -19.09 2.48 7.07
N VAL A 263 -18.18 3.14 6.36
CA VAL A 263 -18.14 3.03 4.90
C VAL A 263 -16.69 3.09 4.45
N THR A 264 -16.27 2.07 3.70
CA THR A 264 -14.92 1.99 3.16
C THR A 264 -15.01 2.30 1.67
N THR A 265 -13.91 2.78 1.12
CA THR A 265 -13.91 3.04 -0.31
C THR A 265 -12.48 3.05 -0.82
N THR A 266 -12.35 2.84 -2.12
CA THR A 266 -11.07 3.03 -2.77
C THR A 266 -10.96 4.46 -3.24
N THR A 267 -9.72 4.91 -3.42
CA THR A 267 -9.47 6.24 -3.95
C THR A 267 -9.45 6.24 -5.48
N HIS A 268 -9.23 5.08 -6.09
CA HIS A 268 -9.18 4.98 -7.54
C HIS A 268 -10.57 4.55 -8.00
N1 LLP A 269 -13.73 -3.90 -2.15
C2 LLP A 269 -14.33 -3.93 -3.35
C2' LLP A 269 -15.84 -4.31 -3.45
C3 LLP A 269 -13.59 -3.59 -4.52
O3 LLP A 269 -14.23 -3.61 -5.77
C4 LLP A 269 -12.27 -3.24 -4.43
C4' LLP A 269 -11.49 -2.87 -5.80
C5 LLP A 269 -11.65 -3.23 -3.23
C6 LLP A 269 -12.38 -3.54 -2.06
C5' LLP A 269 -10.15 -2.82 -3.06
OP4 LLP A 269 -9.21 -3.69 -3.65
P LLP A 269 -7.80 -3.08 -3.87
OP1 LLP A 269 -7.16 -3.67 -5.13
OP2 LLP A 269 -7.92 -1.62 -4.01
OP3 LLP A 269 -6.94 -3.39 -2.69
N LLP A 269 -10.64 3.80 -9.09
CA LLP A 269 -11.93 3.37 -9.69
CB LLP A 269 -12.69 2.46 -8.76
CG LLP A 269 -11.76 1.40 -8.14
CD LLP A 269 -12.55 0.17 -7.70
CE LLP A 269 -11.61 -0.82 -6.98
NZ LLP A 269 -12.33 -2.05 -6.62
C LLP A 269 -12.71 4.60 -10.02
O LLP A 269 -12.17 5.53 -10.59
N THR A 270 -13.99 4.63 -9.65
CA THR A 270 -14.88 5.74 -10.01
C THR A 270 -14.43 7.11 -9.50
N LEU A 271 -13.64 7.14 -8.43
CA LEU A 271 -13.20 8.41 -7.88
C LEU A 271 -12.02 9.02 -8.64
N ARG A 272 -11.42 8.27 -9.57
CA ARG A 272 -10.39 8.79 -10.47
C ARG A 272 -9.21 9.39 -9.68
N GLY A 273 -8.61 8.55 -8.84
CA GLY A 273 -7.50 9.00 -8.02
C GLY A 273 -6.38 8.00 -7.90
N ALA A 274 -5.47 8.21 -6.96
CA ALA A 274 -4.36 7.30 -6.78
C ALA A 274 -4.85 6.03 -6.07
N ARG A 275 -4.00 5.00 -6.08
CA ARG A 275 -4.35 3.72 -5.48
C ARG A 275 -4.15 3.82 -3.97
N SER A 276 -5.24 4.03 -3.26
CA SER A 276 -5.24 4.13 -1.80
C SER A 276 -6.62 3.71 -1.31
N GLY A 277 -6.94 4.07 -0.06
CA GLY A 277 -8.23 3.72 0.50
C GLY A 277 -8.64 4.72 1.56
N LEU A 278 -9.93 4.67 1.92
CA LEU A 278 -10.43 5.48 3.01
C LEU A 278 -11.42 4.67 3.84
N ILE A 279 -11.67 5.16 5.05
CA ILE A 279 -12.62 4.56 5.98
C ILE A 279 -13.44 5.68 6.59
N PHE A 280 -14.75 5.65 6.38
CA PHE A 280 -15.64 6.67 6.91
C PHE A 280 -16.39 6.11 8.11
N TYR A 281 -16.25 6.75 9.27
CA TYR A 281 -16.90 6.31 10.49
C TYR A 281 -17.69 7.47 11.10
N ARG A 282 -18.81 7.13 11.72
CA ARG A 282 -19.65 8.16 12.34
C ARG A 282 -19.13 8.53 13.72
N LYS A 283 -19.14 9.83 14.00
CA LYS A 283 -18.69 10.38 15.27
C LYS A 283 -19.83 11.14 15.95
N GLY A 284 -19.69 11.33 17.24
CA GLY A 284 -20.66 12.10 18.01
C GLY A 284 -21.68 11.24 18.71
N VAL A 285 -22.78 11.88 19.10
CA VAL A 285 -23.83 11.20 19.82
C VAL A 285 -24.58 10.24 18.90
N LYS A 286 -25.00 9.10 19.44
CA LYS A 286 -25.81 8.15 18.69
C LYS A 286 -27.28 8.46 18.88
N THR A 292 -33.34 6.21 30.56
CA THR A 292 -32.18 6.21 31.44
C THR A 292 -31.64 7.62 31.66
N GLY A 293 -31.63 8.42 30.59
CA GLY A 293 -31.15 9.79 30.68
C GLY A 293 -29.87 10.02 29.91
N ARG A 294 -28.90 9.13 30.08
CA ARG A 294 -27.63 9.24 29.38
C ARG A 294 -27.76 8.80 27.92
N GLU A 295 -26.92 9.37 27.07
CA GLU A 295 -26.97 9.12 25.63
C GLU A 295 -25.94 8.08 25.22
N ILE A 296 -26.22 7.42 24.09
CA ILE A 296 -25.31 6.42 23.54
C ILE A 296 -24.22 7.10 22.74
N PRO A 297 -22.93 6.80 22.97
CA PRO A 297 -21.87 7.44 22.19
C PRO A 297 -21.56 6.69 20.90
N TYR A 298 -20.56 7.15 20.14
CA TYR A 298 -20.07 6.44 18.97
C TYR A 298 -18.66 5.96 19.25
N THR A 299 -18.44 4.65 19.09
CA THR A 299 -17.17 4.00 19.40
C THR A 299 -16.23 3.83 18.21
N PHE A 300 -16.66 4.16 16.99
CA PHE A 300 -15.86 3.81 15.81
C PHE A 300 -14.61 4.68 15.65
N GLU A 301 -14.66 5.95 16.05
CA GLU A 301 -13.56 6.87 15.77
C GLU A 301 -12.21 6.32 16.24
N ASP A 302 -12.08 6.06 17.52
CA ASP A 302 -10.77 5.67 18.05
C ASP A 302 -10.46 4.20 17.87
N ARG A 303 -11.44 3.37 17.56
CA ARG A 303 -11.14 1.96 17.27
C ARG A 303 -10.66 1.77 15.84
N ILE A 304 -11.25 2.50 14.90
CA ILE A 304 -10.80 2.43 13.51
C ILE A 304 -9.40 3.01 13.36
N ASN A 305 -9.15 4.18 13.97
CA ASN A 305 -7.84 4.80 13.89
C ASN A 305 -6.75 3.91 14.47
N PHE A 306 -7.08 3.14 15.51
CA PHE A 306 -6.09 2.25 16.10
C PHE A 306 -5.82 1.02 15.23
N ALA A 307 -6.80 0.62 14.40
CA ALA A 307 -6.62 -0.58 13.60
C ALA A 307 -5.69 -0.34 12.42
N VAL A 308 -5.83 0.82 11.77
CA VAL A 308 -4.98 1.14 10.64
C VAL A 308 -3.56 1.43 11.11
N PHE A 309 -3.41 1.97 12.32
CA PHE A 309 -2.12 2.19 12.96
C PHE A 309 -2.34 2.30 14.46
N PRO A 310 -1.51 1.64 15.29
CA PRO A 310 -0.31 0.89 14.90
C PRO A 310 -0.55 -0.60 14.71
N SER A 311 -1.81 -0.99 14.52
CA SER A 311 -2.15 -2.41 14.49
C SER A 311 -1.73 -3.07 13.17
N LEU A 312 -2.20 -2.53 12.05
CA LEU A 312 -2.07 -3.20 10.76
C LEU A 312 -1.03 -2.60 9.83
N GLN A 313 -0.83 -1.28 9.84
CA GLN A 313 0.08 -0.62 8.93
C GLN A 313 1.21 0.03 9.70
N GLY A 314 2.08 0.72 8.96
CA GLY A 314 3.17 1.46 9.55
C GLY A 314 3.27 2.86 9.00
N GLY A 315 4.22 3.07 8.09
CA GLY A 315 4.42 4.36 7.48
C GLY A 315 3.30 4.71 6.51
N PRO A 316 2.62 5.83 6.77
CA PRO A 316 1.55 6.26 5.86
C PRO A 316 2.14 6.69 4.53
N HIS A 317 1.53 6.22 3.43
CA HIS A 317 1.95 6.58 2.09
C HIS A 317 1.46 7.99 1.78
N ASN A 318 2.20 8.98 2.29
CA ASN A 318 1.79 10.36 2.17
C ASN A 318 1.77 10.83 0.73
N HIS A 319 2.62 10.26 -0.12
CA HIS A 319 2.59 10.59 -1.54
C HIS A 319 1.25 10.20 -2.16
N ALA A 320 0.64 9.11 -1.68
CA ALA A 320 -0.70 8.74 -2.13
C ALA A 320 -1.76 9.56 -1.42
N ILE A 321 -1.54 9.87 -0.14
CA ILE A 321 -2.52 10.64 0.62
C ILE A 321 -2.74 12.02 -0.01
N ALA A 322 -1.65 12.65 -0.48
CA ALA A 322 -1.80 13.94 -1.13
C ALA A 322 -2.39 13.79 -2.52
N ALA A 323 -2.01 12.72 -3.24
CA ALA A 323 -2.55 12.49 -4.58
C ALA A 323 -4.05 12.31 -4.55
N VAL A 324 -4.56 11.53 -3.58
CA VAL A 324 -6.00 11.30 -3.52
C VAL A 324 -6.73 12.54 -3.03
N ALA A 325 -6.08 13.36 -2.21
CA ALA A 325 -6.68 14.63 -1.80
C ALA A 325 -6.80 15.59 -2.97
N VAL A 326 -5.88 15.51 -3.93
CA VAL A 326 -6.00 16.32 -5.14
C VAL A 326 -7.19 15.90 -5.97
N ALA A 327 -7.40 14.58 -6.12
CA ALA A 327 -8.59 14.09 -6.80
C ALA A 327 -9.85 14.28 -5.96
N LEU A 328 -9.70 14.51 -4.66
CA LEU A 328 -10.86 14.76 -3.81
C LEU A 328 -11.42 16.17 -3.99
N LYS A 329 -10.57 17.16 -4.28
CA LYS A 329 -11.09 18.49 -4.54
C LYS A 329 -11.71 18.60 -5.93
N GLN A 330 -11.10 17.97 -6.93
CA GLN A 330 -11.73 17.87 -8.24
C GLN A 330 -13.09 17.20 -8.18
N ALA A 331 -13.27 16.25 -7.25
CA ALA A 331 -14.51 15.50 -7.16
C ALA A 331 -15.67 16.32 -6.60
N CYS A 332 -15.41 17.50 -6.04
CA CYS A 332 -16.46 18.37 -5.52
C CYS A 332 -16.87 19.44 -6.53
N THR A 333 -16.44 19.33 -7.77
CA THR A 333 -16.66 20.32 -8.80
C THR A 333 -17.80 19.91 -9.71
N PRO A 334 -18.45 20.87 -10.36
CA PRO A 334 -19.50 20.51 -11.34
C PRO A 334 -18.98 19.67 -12.49
N MET A 335 -17.68 19.79 -12.82
CA MET A 335 -17.12 18.94 -13.87
C MET A 335 -17.17 17.47 -13.49
N PHE A 336 -16.87 17.17 -12.23
CA PHE A 336 -16.91 15.78 -11.78
C PHE A 336 -18.33 15.25 -11.74
N ARG A 337 -19.32 16.12 -11.47
CA ARG A 337 -20.71 15.70 -11.54
C ARG A 337 -21.09 15.35 -12.98
N GLU A 338 -20.75 16.25 -13.92
CA GLU A 338 -21.02 15.96 -15.33
C GLU A 338 -20.33 14.68 -15.78
N TYR A 339 -19.09 14.47 -15.35
CA TYR A 339 -18.41 13.23 -15.71
C TYR A 339 -19.15 12.02 -15.17
N SER A 340 -19.60 12.08 -13.91
CA SER A 340 -20.26 10.94 -13.29
C SER A 340 -21.63 10.66 -13.92
N LEU A 341 -22.38 11.72 -14.24
CA LEU A 341 -23.64 11.53 -14.96
C LEU A 341 -23.39 10.91 -16.33
N GLN A 342 -22.25 11.24 -16.94
CA GLN A 342 -21.91 10.66 -18.23
C GLN A 342 -21.57 9.18 -18.09
N VAL A 343 -20.91 8.80 -16.98
CA VAL A 343 -20.60 7.39 -16.76
C VAL A 343 -21.86 6.54 -16.73
N LEU A 344 -22.92 7.07 -16.14
CA LEU A 344 -24.19 6.35 -16.12
C LEU A 344 -24.81 6.29 -17.51
N LYS A 345 -24.87 7.44 -18.17
CA LYS A 345 -25.45 7.49 -19.51
C LYS A 345 -24.69 6.59 -20.47
N ASN A 346 -23.37 6.50 -20.31
CA ASN A 346 -22.58 5.64 -21.19
C ASN A 346 -22.76 4.17 -20.83
N ALA A 347 -22.87 3.87 -19.54
CA ALA A 347 -23.08 2.48 -19.13
C ALA A 347 -24.45 1.97 -19.58
N ARG A 348 -25.46 2.84 -19.57
CA ARG A 348 -26.79 2.44 -20.04
C ARG A 348 -26.86 2.38 -21.56
N ALA A 349 -26.12 3.24 -22.26
CA ALA A 349 -26.06 3.16 -23.72
C ALA A 349 -25.33 1.90 -24.16
N MET A 350 -24.26 1.55 -23.46
CA MET A 350 -23.58 0.29 -23.72
C MET A 350 -24.50 -0.90 -23.46
N ALA A 351 -25.30 -0.83 -22.40
CA ALA A 351 -26.23 -1.91 -22.09
C ALA A 351 -27.34 -2.00 -23.12
N ASP A 352 -28.02 -0.87 -23.39
CA ASP A 352 -29.11 -0.87 -24.35
C ASP A 352 -28.66 -1.30 -25.75
N ALA A 353 -27.43 -0.97 -26.12
CA ALA A 353 -26.92 -1.40 -27.42
C ALA A 353 -26.63 -2.90 -27.43
N LEU A 354 -25.98 -3.41 -26.39
CA LEU A 354 -25.74 -4.85 -26.29
C LEU A 354 -27.05 -5.64 -26.30
N LEU A 355 -28.12 -5.07 -25.75
CA LEU A 355 -29.40 -5.76 -25.73
C LEU A 355 -29.91 -6.00 -27.15
N GLU A 356 -29.76 -5.02 -28.05
CA GLU A 356 -30.29 -5.15 -29.39
C GLU A 356 -29.50 -6.13 -30.25
N ARG A 357 -28.24 -6.38 -29.91
CA ARG A 357 -27.41 -7.29 -30.69
C ARG A 357 -27.71 -8.76 -30.39
N GLY A 358 -28.63 -9.04 -29.47
CA GLY A 358 -28.91 -10.41 -29.10
C GLY A 358 -28.16 -10.90 -27.88
N TYR A 359 -27.72 -10.00 -27.01
CA TYR A 359 -26.98 -10.35 -25.80
C TYR A 359 -27.90 -10.27 -24.58
N SER A 360 -27.52 -10.99 -23.53
CA SER A 360 -28.26 -11.03 -22.29
C SER A 360 -27.48 -10.31 -21.19
N LEU A 361 -28.20 -9.55 -20.37
CA LEU A 361 -27.63 -8.86 -19.22
C LEU A 361 -28.37 -9.31 -17.98
N VAL A 362 -27.63 -9.87 -17.02
CA VAL A 362 -28.27 -10.27 -15.78
C VAL A 362 -28.82 -9.02 -15.09
N SER A 363 -29.82 -9.24 -14.23
CA SER A 363 -30.52 -8.17 -13.50
C SER A 363 -31.48 -7.45 -14.43
N GLY A 364 -31.27 -7.59 -15.74
CA GLY A 364 -32.09 -6.92 -16.73
C GLY A 364 -31.39 -5.77 -17.43
N GLY A 365 -30.69 -4.93 -16.68
CA GLY A 365 -29.96 -3.83 -17.26
C GLY A 365 -28.90 -3.26 -16.36
N THR A 366 -28.93 -1.94 -16.13
CA THR A 366 -27.90 -1.30 -15.32
C THR A 366 -28.41 0.05 -14.85
N ASP A 367 -28.00 0.41 -13.63
CA ASP A 367 -28.23 1.75 -13.08
C ASP A 367 -26.96 2.28 -12.44
N ASN A 368 -25.80 1.70 -12.78
CA ASN A 368 -24.53 2.14 -12.24
C ASN A 368 -23.53 2.36 -13.38
N HIS A 369 -22.28 1.96 -13.19
CA HIS A 369 -21.23 2.17 -14.17
C HIS A 369 -20.87 0.93 -14.97
N LEU A 370 -21.44 -0.23 -14.67
CA LEU A 370 -20.96 -1.48 -15.23
C LEU A 370 -22.07 -2.25 -15.93
N VAL A 371 -21.65 -3.15 -16.82
CA VAL A 371 -22.53 -4.07 -17.54
C VAL A 371 -22.03 -5.48 -17.30
N LEU A 372 -22.95 -6.44 -17.17
CA LEU A 372 -22.63 -7.83 -16.87
C LEU A 372 -23.23 -8.75 -17.94
N VAL A 373 -22.67 -8.71 -19.15
CA VAL A 373 -23.23 -9.49 -20.24
C VAL A 373 -23.19 -10.97 -19.91
N ASP A 374 -24.27 -11.68 -20.24
CA ASP A 374 -24.38 -13.12 -20.08
C ASP A 374 -24.22 -13.76 -21.45
N LEU A 375 -23.06 -14.36 -21.71
CA LEU A 375 -22.70 -14.85 -23.03
C LEU A 375 -23.17 -16.26 -23.30
N ARG A 376 -23.77 -16.93 -22.30
CA ARG A 376 -24.23 -18.30 -22.51
C ARG A 376 -25.27 -18.42 -23.61
N PRO A 377 -26.27 -17.54 -23.75
CA PRO A 377 -27.21 -17.67 -24.87
C PRO A 377 -26.58 -17.47 -26.24
N LYS A 378 -25.35 -16.96 -26.32
CA LYS A 378 -24.66 -16.77 -27.59
C LYS A 378 -23.68 -17.88 -27.91
N GLY A 379 -23.71 -18.99 -27.18
CA GLY A 379 -22.84 -20.11 -27.48
C GLY A 379 -21.38 -19.89 -27.17
N LEU A 380 -21.07 -19.15 -26.12
CA LEU A 380 -19.68 -18.84 -25.79
C LEU A 380 -19.59 -18.50 -24.31
N ASP A 381 -18.48 -18.90 -23.68
CA ASP A 381 -18.31 -18.75 -22.25
C ASP A 381 -17.59 -17.43 -21.93
N GLY A 382 -17.31 -17.22 -20.65
CA GLY A 382 -16.68 -15.98 -20.24
C GLY A 382 -15.20 -15.93 -20.58
N ALA A 383 -14.48 -17.03 -20.36
CA ALA A 383 -13.03 -17.03 -20.52
C ALA A 383 -12.62 -16.89 -21.97
N ARG A 384 -13.32 -17.58 -22.89
CA ARG A 384 -12.87 -17.59 -24.28
C ARG A 384 -13.09 -16.24 -24.96
N ALA A 385 -14.14 -15.50 -24.57
CA ALA A 385 -14.27 -14.13 -25.02
C ALA A 385 -13.13 -13.27 -24.49
N GLU A 386 -12.90 -13.33 -23.18
CA GLU A 386 -11.89 -12.51 -22.54
C GLU A 386 -10.55 -12.60 -23.25
N ARG A 387 -10.22 -13.76 -23.82
CA ARG A 387 -8.99 -13.87 -24.59
C ARG A 387 -9.13 -13.17 -25.94
N VAL A 388 -10.28 -13.29 -26.60
CA VAL A 388 -10.44 -12.71 -27.93
C VAL A 388 -10.32 -11.20 -27.88
N LEU A 389 -11.08 -10.56 -26.98
CA LEU A 389 -11.03 -9.10 -26.90
C LEU A 389 -9.72 -8.59 -26.33
N GLU A 390 -8.99 -9.43 -25.61
CA GLU A 390 -7.67 -9.02 -25.11
C GLU A 390 -6.68 -8.82 -26.25
N LEU A 391 -6.65 -9.77 -27.19
CA LEU A 391 -5.76 -9.66 -28.35
C LEU A 391 -6.28 -8.68 -29.40
N VAL A 392 -7.47 -8.14 -29.22
CA VAL A 392 -8.00 -7.06 -30.06
C VAL A 392 -7.78 -5.70 -29.40
N SER A 393 -7.35 -5.67 -28.14
CA SER A 393 -7.10 -4.46 -27.35
C SER A 393 -8.41 -3.86 -26.90
N ILE A 394 -9.32 -4.71 -26.41
CA ILE A 394 -10.46 -4.30 -25.62
C ILE A 394 -10.40 -5.12 -24.33
N THR A 395 -10.17 -4.45 -23.21
CA THR A 395 -9.82 -5.14 -21.96
C THR A 395 -11.08 -5.39 -21.16
N ALA A 396 -11.46 -6.66 -21.03
CA ALA A 396 -12.59 -7.07 -20.21
C ALA A 396 -12.09 -8.12 -19.21
N ASN A 397 -13.02 -8.68 -18.44
CA ASN A 397 -12.70 -9.69 -17.45
C ASN A 397 -13.83 -10.71 -17.39
N LYS A 398 -13.46 -11.97 -17.15
CA LYS A 398 -14.45 -13.03 -17.01
C LYS A 398 -15.33 -12.78 -15.79
N ASN A 399 -16.61 -13.13 -15.92
CA ASN A 399 -17.55 -12.94 -14.81
C ASN A 399 -18.50 -14.12 -14.73
N THR A 400 -18.70 -14.64 -13.52
CA THR A 400 -19.58 -15.77 -13.30
C THR A 400 -21.03 -15.31 -13.18
N CYS A 401 -21.90 -15.80 -14.05
CA CYS A 401 -23.34 -15.69 -14.23
C CYS A 401 -24.09 -16.70 -13.35
N PRO A 402 -25.16 -16.28 -12.67
CA PRO A 402 -25.93 -17.22 -11.83
C PRO A 402 -26.31 -18.49 -12.57
N GLY A 403 -25.66 -19.60 -12.22
CA GLY A 403 -25.96 -20.88 -12.83
C GLY A 403 -24.83 -21.88 -12.64
N ASP A 404 -23.66 -21.52 -13.15
CA ASP A 404 -22.48 -22.35 -13.04
C ASP A 404 -21.37 -21.61 -12.31
N ILE A 408 -16.77 -23.24 -13.03
CA ILE A 408 -15.37 -22.93 -12.78
C ILE A 408 -14.85 -22.01 -13.88
N THR A 409 -15.41 -22.18 -15.08
CA THR A 409 -15.10 -21.32 -16.22
C THR A 409 -16.35 -20.49 -16.48
N PRO A 410 -16.29 -19.17 -16.28
CA PRO A 410 -17.53 -18.37 -16.34
C PRO A 410 -18.22 -18.34 -17.69
N GLY A 411 -19.32 -17.58 -17.74
CA GLY A 411 -20.13 -17.47 -18.93
C GLY A 411 -20.44 -16.04 -19.31
N GLY A 412 -19.83 -15.09 -18.62
CA GLY A 412 -20.10 -13.69 -18.87
C GLY A 412 -18.89 -12.82 -18.59
N LEU A 413 -19.06 -11.53 -18.82
CA LEU A 413 -18.00 -10.54 -18.66
C LEU A 413 -18.54 -9.31 -17.97
N ARG A 414 -17.61 -8.47 -17.51
CA ARG A 414 -17.92 -7.25 -16.76
C ARG A 414 -17.35 -6.07 -17.54
N LEU A 415 -18.22 -5.18 -18.00
CA LEU A 415 -17.82 -4.03 -18.79
C LEU A 415 -17.87 -2.78 -17.94
N GLY A 416 -16.84 -1.94 -18.08
CA GLY A 416 -16.76 -0.73 -17.29
C GLY A 416 -16.72 0.57 -18.07
N ALA A 417 -17.69 1.43 -17.82
CA ALA A 417 -17.81 2.74 -18.46
C ALA A 417 -16.80 3.78 -17.97
N PRO A 418 -16.55 3.92 -16.66
CA PRO A 418 -15.75 5.07 -16.19
C PRO A 418 -14.34 5.13 -16.75
N ALA A 419 -13.82 4.03 -17.30
CA ALA A 419 -12.48 4.04 -17.85
C ALA A 419 -12.41 4.94 -19.08
N LEU A 420 -13.26 4.67 -20.07
CA LEU A 420 -13.27 5.47 -21.29
C LEU A 420 -14.10 6.74 -21.17
N THR A 421 -15.03 6.81 -20.20
CA THR A 421 -15.74 8.06 -19.98
C THR A 421 -14.79 9.16 -19.53
N SER A 422 -13.71 8.79 -18.85
CA SER A 422 -12.66 9.76 -18.54
C SER A 422 -11.91 10.21 -19.78
N ARG A 423 -11.98 9.44 -20.86
CA ARG A 423 -11.39 9.81 -22.15
C ARG A 423 -12.35 10.63 -23.00
N GLN A 424 -13.29 11.34 -22.38
CA GLN A 424 -14.27 12.17 -23.07
C GLN A 424 -15.13 11.36 -24.04
N PHE A 425 -15.41 10.11 -23.70
CA PHE A 425 -16.30 9.30 -24.51
C PHE A 425 -17.74 9.80 -24.37
N ARG A 426 -18.56 9.43 -25.34
CA ARG A 426 -19.98 9.76 -25.36
C ARG A 426 -20.77 8.51 -25.70
N GLU A 427 -22.10 8.62 -25.67
CA GLU A 427 -22.93 7.45 -25.92
C GLU A 427 -22.82 7.01 -27.37
N ASP A 428 -22.71 7.96 -28.30
CA ASP A 428 -22.52 7.60 -29.70
C ASP A 428 -21.19 6.90 -29.92
N ASP A 429 -20.18 7.19 -29.11
CA ASP A 429 -18.93 6.47 -29.15
C ASP A 429 -18.92 5.20 -28.31
N PHE A 430 -19.97 4.98 -27.51
CA PHE A 430 -20.05 3.78 -26.69
C PHE A 430 -20.94 2.69 -27.28
N ARG A 431 -21.70 2.99 -28.33
CA ARG A 431 -22.29 1.93 -29.13
C ARG A 431 -21.37 1.49 -30.27
N ARG A 432 -20.42 2.35 -30.66
CA ARG A 432 -19.35 1.90 -31.56
C ARG A 432 -18.50 0.83 -30.89
N VAL A 433 -18.19 1.01 -29.60
CA VAL A 433 -17.48 -0.01 -28.84
C VAL A 433 -18.26 -1.32 -28.89
N VAL A 434 -19.59 -1.24 -28.74
CA VAL A 434 -20.40 -2.44 -28.64
C VAL A 434 -20.34 -3.24 -29.94
N ASP A 435 -20.38 -2.56 -31.09
CA ASP A 435 -20.25 -3.25 -32.36
C ASP A 435 -18.90 -3.94 -32.50
N PHE A 436 -17.85 -3.35 -31.92
CA PHE A 436 -16.54 -3.99 -31.95
C PHE A 436 -16.50 -5.21 -31.05
N ILE A 437 -17.21 -5.17 -29.92
CA ILE A 437 -17.37 -6.36 -29.09
C ILE A 437 -18.20 -7.41 -29.82
N ASP A 438 -19.29 -6.98 -30.46
CA ASP A 438 -20.13 -7.90 -31.22
C ASP A 438 -19.33 -8.56 -32.35
N GLU A 439 -18.51 -7.77 -33.06
CA GLU A 439 -17.66 -8.36 -34.08
C GLU A 439 -16.61 -9.26 -33.49
N GLY A 440 -16.06 -8.88 -32.32
CA GLY A 440 -15.05 -9.70 -31.68
C GLY A 440 -15.59 -11.02 -31.19
N VAL A 441 -16.82 -11.04 -30.70
CA VAL A 441 -17.43 -12.28 -30.24
C VAL A 441 -17.54 -13.27 -31.38
N ASN A 442 -17.94 -12.80 -32.57
CA ASN A 442 -18.12 -13.68 -33.71
C ASN A 442 -16.81 -14.31 -34.16
N ILE A 443 -15.68 -13.66 -33.89
CA ILE A 443 -14.38 -14.28 -34.18
C ILE A 443 -14.15 -15.46 -33.25
N GLY A 444 -14.42 -15.27 -31.96
CA GLY A 444 -14.29 -16.37 -31.01
C GLY A 444 -15.37 -17.41 -31.16
N LEU A 445 -16.57 -16.99 -31.60
CA LEU A 445 -17.68 -17.93 -31.77
C LEU A 445 -17.40 -18.92 -32.89
N GLU A 446 -16.58 -18.53 -33.87
CA GLU A 446 -16.25 -19.41 -34.98
C GLU A 446 -15.08 -20.33 -34.67
N VAL A 447 -14.11 -19.85 -33.90
CA VAL A 447 -12.98 -20.71 -33.53
C VAL A 447 -13.43 -21.80 -32.57
N LYS A 448 -14.46 -21.53 -31.76
CA LYS A 448 -15.01 -22.57 -30.89
C LYS A 448 -15.58 -23.72 -31.72
N SER A 449 -16.09 -23.43 -32.92
CA SER A 449 -16.55 -24.48 -33.81
C SER A 449 -15.39 -25.22 -34.45
N LYS A 450 -14.21 -24.61 -34.51
CA LYS A 450 -13.03 -25.23 -35.11
C LYS A 450 -12.09 -25.86 -34.08
N THR A 451 -12.31 -25.62 -32.79
CA THR A 451 -11.53 -26.27 -31.74
C THR A 451 -12.47 -26.86 -30.69
N ALA A 452 -11.92 -27.32 -29.56
CA ALA A 452 -12.75 -27.86 -28.50
C ALA A 452 -12.27 -27.42 -27.12
N LYS A 453 -11.07 -27.84 -26.75
CA LYS A 453 -10.45 -27.43 -25.49
C LYS A 453 -10.22 -25.92 -25.46
N LEU A 454 -9.81 -25.43 -24.29
CA LEU A 454 -9.40 -24.06 -24.11
C LEU A 454 -7.88 -23.91 -23.98
N GLN A 455 -7.16 -25.00 -23.70
CA GLN A 455 -5.72 -25.00 -23.91
C GLN A 455 -5.39 -24.98 -25.40
N ASP A 456 -6.28 -25.49 -26.24
CA ASP A 456 -6.13 -25.40 -27.69
C ASP A 456 -6.80 -24.17 -28.28
N PHE A 457 -7.80 -23.61 -27.59
CA PHE A 457 -8.46 -22.41 -28.09
C PHE A 457 -7.53 -21.21 -28.07
N LYS A 458 -6.65 -21.13 -27.07
CA LYS A 458 -5.76 -19.98 -26.94
C LYS A 458 -4.58 -20.06 -27.89
N SER A 459 -4.14 -21.27 -28.25
CA SER A 459 -3.11 -21.39 -29.29
C SER A 459 -3.68 -21.32 -30.70
N PHE A 460 -4.99 -21.52 -30.87
CA PHE A 460 -5.61 -21.35 -32.18
C PHE A 460 -5.56 -19.90 -32.61
N LEU A 461 -5.89 -18.97 -31.71
CA LEU A 461 -5.90 -17.55 -32.02
C LEU A 461 -4.51 -16.97 -32.22
N LEU A 462 -3.46 -17.77 -32.07
CA LEU A 462 -2.08 -17.31 -32.21
C LEU A 462 -1.44 -17.73 -33.52
N LYS A 463 -1.71 -18.96 -33.99
CA LYS A 463 -1.03 -19.47 -35.17
C LYS A 463 -1.90 -19.55 -36.41
N ASP A 464 -3.22 -19.46 -36.27
CA ASP A 464 -4.12 -19.49 -37.42
C ASP A 464 -3.96 -18.19 -38.20
N SER A 465 -3.20 -18.24 -39.29
CA SER A 465 -2.92 -17.08 -40.12
C SER A 465 -4.15 -16.54 -40.83
N GLU A 466 -5.32 -17.09 -40.52
CA GLU A 466 -6.58 -16.55 -41.05
C GLU A 466 -7.46 -15.89 -39.99
N THR A 467 -7.60 -16.49 -38.81
CA THR A 467 -8.25 -15.76 -37.73
C THR A 467 -7.35 -14.68 -37.15
N SER A 468 -6.02 -14.87 -37.19
CA SER A 468 -5.11 -13.80 -36.81
C SER A 468 -5.14 -12.65 -37.80
N GLN A 469 -5.40 -12.95 -39.07
CA GLN A 469 -5.58 -11.89 -40.06
C GLN A 469 -6.89 -11.14 -39.81
N ARG A 470 -7.93 -11.85 -39.36
CA ARG A 470 -9.17 -11.17 -38.97
C ARG A 470 -9.01 -10.44 -37.65
N LEU A 471 -8.14 -10.93 -36.78
CA LEU A 471 -7.87 -10.22 -35.52
C LEU A 471 -7.12 -8.92 -35.76
N ALA A 472 -6.14 -8.95 -36.68
CA ALA A 472 -5.31 -7.77 -36.93
C ALA A 472 -6.14 -6.59 -37.44
N ASN A 473 -7.18 -6.87 -38.24
CA ASN A 473 -8.02 -5.78 -38.73
C ASN A 473 -8.85 -5.21 -37.60
N LEU A 474 -9.43 -6.08 -36.77
CA LEU A 474 -10.22 -5.58 -35.65
C LEU A 474 -9.34 -4.91 -34.61
N ARG A 475 -8.16 -5.47 -34.33
CA ARG A 475 -7.33 -4.85 -33.32
C ARG A 475 -6.86 -3.47 -33.77
N GLN A 476 -6.38 -3.36 -35.00
CA GLN A 476 -5.87 -2.09 -35.49
C GLN A 476 -6.97 -1.04 -35.60
N ARG A 477 -8.19 -1.45 -35.98
CA ARG A 477 -9.29 -0.49 -36.12
C ARG A 477 -9.80 -0.02 -34.77
N VAL A 478 -9.71 -0.86 -33.74
CA VAL A 478 -9.99 -0.40 -32.38
C VAL A 478 -8.91 0.56 -31.92
N GLU A 479 -7.66 0.28 -32.29
CA GLU A 479 -6.55 1.17 -31.98
C GLU A 479 -6.74 2.54 -32.62
N GLN A 480 -7.15 2.57 -33.89
CA GLN A 480 -7.38 3.86 -34.54
C GLN A 480 -8.51 4.61 -33.88
N PHE A 481 -9.51 3.90 -33.37
CA PHE A 481 -10.61 4.55 -32.66
C PHE A 481 -10.18 5.02 -31.27
N ALA A 482 -9.48 4.15 -30.54
CA ALA A 482 -9.11 4.48 -29.15
C ALA A 482 -8.05 5.58 -29.10
N ARG A 483 -7.10 5.58 -30.04
CA ARG A 483 -6.03 6.57 -30.02
C ARG A 483 -6.52 7.99 -30.29
N ALA A 484 -7.73 8.15 -30.82
CA ALA A 484 -8.27 9.45 -31.19
C ALA A 484 -8.85 10.21 -30.00
N PHE A 485 -8.87 9.63 -28.81
CA PHE A 485 -9.48 10.29 -27.67
C PHE A 485 -8.41 10.80 -26.71
N PRO A 486 -8.69 11.89 -25.98
CA PRO A 486 -7.73 12.39 -25.00
C PRO A 486 -7.52 11.41 -23.86
N MET A 487 -6.40 11.56 -23.17
CA MET A 487 -6.03 10.66 -22.08
C MET A 487 -5.48 11.44 -20.90
N PRO A 488 -6.11 11.36 -19.73
CA PRO A 488 -5.58 12.05 -18.55
C PRO A 488 -4.20 11.54 -18.18
N GLY A 489 -3.42 12.40 -17.56
CA GLY A 489 -2.04 12.10 -17.22
C GLY A 489 -1.08 12.69 -18.22
N PHE A 490 0.19 12.33 -18.06
CA PHE A 490 1.21 12.82 -18.98
C PHE A 490 1.06 12.13 -20.33
N ASP A 491 1.21 12.90 -21.41
CA ASP A 491 1.24 12.29 -22.74
C ASP A 491 2.45 11.38 -22.90
N GLU A 492 3.54 11.71 -22.21
CA GLU A 492 4.83 11.04 -22.34
C GLU A 492 5.06 10.03 -21.23
N HIS A 493 4.37 10.15 -20.11
CA HIS A 493 4.73 9.46 -18.88
C HIS A 493 3.51 8.93 -18.14
N TRP B 32 -12.17 20.68 -18.88
CA TRP B 32 -11.33 19.81 -18.07
C TRP B 32 -10.93 18.57 -18.85
N THR B 33 -9.62 18.34 -18.96
CA THR B 33 -9.09 17.21 -19.72
C THR B 33 -8.43 16.13 -18.86
N GLY B 34 -7.85 16.51 -17.72
CA GLY B 34 -7.13 15.57 -16.88
C GLY B 34 -5.63 15.62 -16.99
N GLN B 35 -5.07 16.48 -17.84
CA GLN B 35 -3.63 16.60 -18.00
C GLN B 35 -3.14 18.01 -17.63
N GLU B 36 -3.90 18.74 -16.83
CA GLU B 36 -3.49 20.04 -16.36
C GLU B 36 -2.43 19.91 -15.27
N SER B 37 -1.59 20.93 -15.14
CA SER B 37 -0.53 20.91 -14.15
C SER B 37 -1.08 21.01 -12.74
N LEU B 38 -0.41 20.32 -11.81
CA LEU B 38 -0.82 20.39 -10.41
C LEU B 38 -0.72 21.81 -9.86
N SER B 39 0.22 22.60 -10.36
CA SER B 39 0.40 23.95 -9.86
C SER B 39 -0.80 24.83 -10.17
N ASP B 40 -1.48 24.58 -11.30
CA ASP B 40 -2.61 25.40 -11.72
C ASP B 40 -3.96 24.76 -11.42
N SER B 41 -4.03 23.43 -11.32
CA SER B 41 -5.30 22.78 -11.01
C SER B 41 -5.66 22.93 -9.53
N ASP B 42 -4.69 22.77 -8.63
CA ASP B 42 -4.91 22.89 -7.20
C ASP B 42 -3.70 23.57 -6.57
N PRO B 43 -3.66 24.90 -6.58
CA PRO B 43 -2.52 25.60 -5.94
C PRO B 43 -2.47 25.44 -4.44
N GLU B 44 -3.57 25.05 -3.79
CA GLU B 44 -3.55 24.84 -2.35
C GLU B 44 -2.68 23.64 -1.96
N MET B 45 -2.66 22.61 -2.79
CA MET B 45 -1.83 21.44 -2.52
C MET B 45 -0.41 21.61 -3.04
N TRP B 46 -0.26 22.29 -4.18
CA TRP B 46 1.07 22.65 -4.66
C TRP B 46 1.83 23.49 -3.63
N GLU B 47 1.10 24.34 -2.89
CA GLU B 47 1.69 25.07 -1.78
C GLU B 47 2.36 24.13 -0.79
N LEU B 48 1.60 23.17 -0.26
CA LEU B 48 2.12 22.27 0.77
C LEU B 48 3.04 21.20 0.21
N LEU B 49 3.06 21.00 -1.11
CA LEU B 49 3.96 20.01 -1.70
C LEU B 49 5.39 20.54 -1.71
N GLN B 50 5.57 21.77 -2.20
CA GLN B 50 6.91 22.35 -2.26
C GLN B 50 7.33 23.02 -0.95
N ARG B 51 6.43 23.17 0.02
CA ARG B 51 6.87 23.51 1.36
C ARG B 51 7.48 22.32 2.06
N GLU B 52 7.10 21.12 1.65
CA GLU B 52 7.76 19.94 2.20
C GLU B 52 9.09 19.71 1.50
N LYS B 53 9.15 19.88 0.18
CA LYS B 53 10.44 19.80 -0.52
C LYS B 53 11.44 20.79 0.04
N ASP B 54 10.96 21.96 0.49
CA ASP B 54 11.83 22.89 1.20
C ASP B 54 12.36 22.29 2.49
N ARG B 55 11.45 21.75 3.33
CA ARG B 55 11.87 21.24 4.63
C ARG B 55 12.77 20.01 4.52
N GLN B 56 12.61 19.20 3.45
CA GLN B 56 13.52 18.07 3.28
C GLN B 56 14.89 18.49 2.79
N CYS B 57 14.97 19.61 2.08
CA CYS B 57 16.27 20.17 1.72
C CYS B 57 16.81 21.10 2.79
N ARG B 58 15.94 21.85 3.46
CA ARG B 58 16.39 22.77 4.51
C ARG B 58 16.96 22.05 5.72
N GLY B 59 16.59 20.80 5.93
CA GLY B 59 17.01 20.11 7.13
C GLY B 59 17.84 18.87 6.86
N LEU B 60 18.63 18.45 7.85
CA LEU B 60 19.41 17.23 7.75
C LEU B 60 18.58 16.09 8.34
N GLU B 61 17.88 15.37 7.47
CA GLU B 61 17.06 14.26 7.94
C GLU B 61 17.98 13.14 8.43
N LEU B 62 18.01 12.93 9.75
CA LEU B 62 18.78 11.84 10.33
C LEU B 62 17.86 10.76 10.90
N ILE B 63 16.61 10.72 10.47
CA ILE B 63 15.72 9.64 10.86
C ILE B 63 16.24 8.33 10.30
N ALA B 64 16.19 7.27 11.11
CA ALA B 64 16.79 6.01 10.72
C ALA B 64 16.07 5.38 9.55
N SER B 65 14.75 5.35 9.59
CA SER B 65 13.95 4.72 8.55
C SER B 65 13.84 5.55 7.28
N GLU B 66 14.36 6.77 7.28
CA GLU B 66 14.11 7.71 6.20
C GLU B 66 15.24 7.72 5.17
N ASN B 67 14.86 7.87 3.91
CA ASN B 67 15.81 8.05 2.81
C ASN B 67 15.19 9.04 1.82
N PHE B 68 16.00 9.45 0.85
CA PHE B 68 15.57 10.38 -0.19
C PHE B 68 15.61 9.66 -1.54
N CYS B 69 14.44 9.38 -2.10
CA CYS B 69 14.34 8.59 -3.32
C CYS B 69 14.84 9.39 -4.52
N SER B 70 15.25 8.65 -5.56
CA SER B 70 15.77 9.25 -6.77
C SER B 70 14.64 9.74 -7.67
N ARG B 71 14.97 10.73 -8.51
CA ARG B 71 14.00 11.23 -9.48
C ARG B 71 13.56 10.15 -10.45
N ALA B 72 14.48 9.29 -10.87
CA ALA B 72 14.15 8.23 -11.82
C ALA B 72 13.09 7.29 -11.26
N ALA B 73 13.17 6.99 -9.96
CA ALA B 73 12.16 6.14 -9.35
C ALA B 73 10.91 6.93 -8.99
N LEU B 74 11.08 8.19 -8.56
CA LEU B 74 9.93 9.03 -8.26
C LEU B 74 9.09 9.29 -9.51
N GLU B 75 9.73 9.35 -10.67
CA GLU B 75 8.99 9.50 -11.92
C GLU B 75 8.15 8.25 -12.21
N ALA B 76 8.69 7.07 -11.93
CA ALA B 76 7.94 5.84 -12.13
C ALA B 76 6.87 5.65 -11.06
N LEU B 77 7.09 6.21 -9.87
CA LEU B 77 6.10 6.08 -8.80
C LEU B 77 4.81 6.79 -9.15
N GLY B 78 4.90 7.95 -9.80
CA GLY B 78 3.73 8.68 -10.24
C GLY B 78 3.48 8.53 -11.72
N SER B 79 3.65 7.32 -12.24
CA SER B 79 3.52 7.07 -13.66
C SER B 79 2.10 6.63 -14.00
N CYS B 80 1.87 6.30 -15.27
CA CYS B 80 0.58 5.81 -15.73
C CYS B 80 0.30 4.38 -15.29
N LEU B 81 1.26 3.71 -14.63
CA LEU B 81 1.05 2.36 -14.15
C LEU B 81 0.05 2.29 -13.01
N ASN B 82 -0.35 3.43 -12.44
CA ASN B 82 -1.42 3.47 -11.46
C ASN B 82 -2.76 3.10 -12.08
N ASN B 83 -2.91 3.29 -13.40
CA ASN B 83 -4.15 3.01 -14.12
C ASN B 83 -4.21 1.59 -14.67
N LYS B 84 -3.56 0.62 -14.02
CA LYS B 84 -3.56 -0.76 -14.47
C LYS B 84 -3.89 -1.67 -13.31
N TYR B 85 -5.07 -2.29 -13.35
CA TYR B 85 -5.47 -3.30 -12.37
C TYR B 85 -4.95 -4.65 -12.83
N SER B 86 -3.96 -5.18 -12.11
CA SER B 86 -3.30 -6.41 -12.53
C SER B 86 -3.42 -7.48 -11.45
N GLU B 87 -4.63 -7.72 -10.95
CA GLU B 87 -4.86 -8.77 -9.97
C GLU B 87 -4.54 -10.14 -10.57
N GLY B 88 -3.34 -10.65 -10.28
CA GLY B 88 -2.94 -11.93 -10.85
C GLY B 88 -1.48 -12.24 -10.57
N TYR B 89 -0.88 -12.99 -11.49
CA TYR B 89 0.46 -13.51 -11.30
C TYR B 89 1.03 -13.88 -12.68
N PRO B 90 2.38 -14.02 -12.81
CA PRO B 90 2.97 -14.21 -14.14
C PRO B 90 2.39 -15.41 -14.88
N GLY B 91 1.56 -15.13 -15.89
CA GLY B 91 0.88 -16.16 -16.62
C GLY B 91 -0.43 -16.61 -16.01
N LYS B 92 -0.65 -16.31 -14.73
CA LYS B 92 -1.87 -16.68 -14.02
C LYS B 92 -2.53 -15.42 -13.49
N ARG B 93 -3.04 -14.60 -14.40
CA ARG B 93 -3.74 -13.37 -14.06
C ARG B 93 -5.24 -13.55 -14.31
N TYR B 94 -6.04 -13.11 -13.34
CA TYR B 94 -7.49 -13.22 -13.48
C TYR B 94 -8.08 -12.16 -14.41
N TYR B 95 -7.27 -11.20 -14.86
CA TYR B 95 -7.75 -10.07 -15.64
C TYR B 95 -7.30 -10.27 -17.10
N GLY B 96 -6.69 -9.28 -17.73
CA GLY B 96 -6.28 -9.38 -19.12
C GLY B 96 -5.68 -8.05 -19.52
N GLY B 97 -5.00 -8.07 -20.67
CA GLY B 97 -4.33 -6.87 -21.14
C GLY B 97 -3.13 -6.44 -20.33
N ALA B 98 -2.63 -7.31 -19.45
CA ALA B 98 -1.46 -7.01 -18.62
C ALA B 98 -0.17 -7.32 -19.34
N GLU B 99 -0.10 -7.02 -20.64
CA GLU B 99 1.07 -7.34 -21.44
C GLU B 99 2.33 -6.67 -20.90
N VAL B 100 2.31 -5.34 -20.81
CA VAL B 100 3.49 -4.62 -20.36
C VAL B 100 3.75 -4.89 -18.88
N VAL B 101 2.69 -4.87 -18.06
CA VAL B 101 2.85 -5.00 -16.63
C VAL B 101 3.49 -6.34 -16.26
N ASP B 102 3.28 -7.37 -17.08
CA ASP B 102 3.91 -8.66 -16.82
C ASP B 102 5.44 -8.56 -16.85
N GLU B 103 5.98 -7.94 -17.88
CA GLU B 103 7.43 -7.88 -18.00
C GLU B 103 8.05 -6.91 -16.98
N ILE B 104 7.32 -5.86 -16.60
CA ILE B 104 7.73 -5.04 -15.48
C ILE B 104 7.64 -5.85 -14.18
N GLU B 105 6.60 -6.68 -14.09
CA GLU B 105 6.43 -7.61 -12.98
C GLU B 105 7.66 -8.48 -12.78
N LEU B 106 8.02 -9.25 -13.81
CA LEU B 106 9.17 -10.16 -13.71
C LEU B 106 10.50 -9.41 -13.61
N LEU B 107 10.60 -8.22 -14.21
CA LEU B 107 11.86 -7.48 -14.15
C LEU B 107 12.21 -7.06 -12.74
N CYS B 108 11.21 -6.65 -11.96
CA CYS B 108 11.46 -6.39 -10.54
C CYS B 108 11.92 -7.67 -9.82
N GLN B 109 11.33 -8.81 -10.19
CA GLN B 109 11.79 -10.09 -9.68
C GLN B 109 13.22 -10.36 -10.12
N ARG B 110 13.49 -10.26 -11.43
CA ARG B 110 14.83 -10.51 -11.94
C ARG B 110 15.85 -9.57 -11.30
N ARG B 111 15.48 -8.30 -11.13
CA ARG B 111 16.39 -7.35 -10.50
C ARG B 111 16.54 -7.64 -9.01
N ALA B 112 15.51 -8.21 -8.38
CA ALA B 112 15.64 -8.62 -7.00
C ALA B 112 16.59 -9.80 -6.87
N LEU B 113 16.49 -10.76 -7.79
CA LEU B 113 17.44 -11.88 -7.79
C LEU B 113 18.82 -11.46 -8.23
N GLU B 114 18.96 -10.32 -8.92
CA GLU B 114 20.28 -9.86 -9.32
C GLU B 114 20.90 -8.88 -8.34
N ALA B 115 20.09 -8.03 -7.70
CA ALA B 115 20.62 -7.16 -6.66
C ALA B 115 20.89 -7.97 -5.39
N PHE B 116 20.17 -9.07 -5.22
CA PHE B 116 20.34 -10.02 -4.13
C PHE B 116 20.63 -11.33 -4.85
N ASP B 117 21.91 -11.59 -5.10
CA ASP B 117 22.39 -12.75 -5.85
C ASP B 117 21.76 -14.06 -5.42
N LEU B 118 21.97 -15.10 -6.24
CA LEU B 118 21.64 -16.52 -6.06
C LEU B 118 20.75 -16.98 -7.21
N ASP B 119 20.74 -18.29 -7.46
CA ASP B 119 20.12 -18.86 -8.66
C ASP B 119 18.58 -18.76 -8.64
N PRO B 120 17.95 -18.30 -9.74
CA PRO B 120 16.49 -18.17 -9.84
C PRO B 120 15.77 -19.51 -9.71
N GLN B 122 16.76 -21.38 -7.33
CA GLN B 122 17.08 -21.65 -5.94
C GLN B 122 16.36 -20.65 -5.03
N TRP B 123 16.08 -19.46 -5.56
CA TRP B 123 15.43 -18.42 -4.80
C TRP B 123 14.29 -17.82 -5.62
N GLY B 124 13.25 -17.41 -4.91
CA GLY B 124 12.14 -16.70 -5.53
C GLY B 124 11.75 -15.52 -4.66
N VAL B 125 11.10 -14.54 -5.29
CA VAL B 125 10.73 -13.30 -4.62
C VAL B 125 9.38 -12.84 -5.11
N ASN B 126 8.57 -12.32 -4.18
CA ASN B 126 7.26 -11.74 -4.48
C ASN B 126 7.32 -10.24 -4.23
N VAL B 127 6.84 -9.44 -5.20
CA VAL B 127 7.04 -8.00 -5.21
C VAL B 127 5.72 -7.23 -5.12
N GLN B 128 4.66 -7.88 -4.65
CA GLN B 128 3.36 -7.21 -4.53
C GLN B 128 3.03 -6.53 -3.19
N PRO B 129 3.76 -6.77 -2.09
CA PRO B 129 3.37 -6.11 -0.83
C PRO B 129 3.30 -4.59 -0.94
N TYR B 130 2.23 -4.03 -0.37
CA TYR B 130 2.03 -2.58 -0.43
C TYR B 130 3.13 -1.84 0.32
N SER B 131 3.64 -2.42 1.41
CA SER B 131 4.71 -1.81 2.17
C SER B 131 5.45 -2.92 2.92
N GLY B 132 6.22 -2.55 3.94
CA GLY B 132 6.96 -3.52 4.72
C GLY B 132 6.13 -4.23 5.76
N SER B 133 5.21 -3.50 6.41
CA SER B 133 4.35 -4.12 7.40
C SER B 133 3.41 -5.16 6.78
N PRO B 134 2.72 -4.90 5.66
CA PRO B 134 1.94 -5.98 5.03
C PRO B 134 2.78 -7.15 4.57
N ALA B 135 4.07 -6.95 4.32
CA ALA B 135 4.93 -8.06 3.94
C ALA B 135 5.13 -9.03 5.10
N ASN B 136 5.27 -8.50 6.32
CA ASN B 136 5.46 -9.37 7.47
C ASN B 136 4.18 -10.14 7.81
N LEU B 137 3.03 -9.46 7.78
CA LEU B 137 1.77 -10.14 8.07
C LEU B 137 1.44 -11.15 6.98
N ALA B 138 1.92 -10.94 5.76
CA ALA B 138 1.65 -11.88 4.68
C ALA B 138 2.36 -13.21 4.90
N VAL B 139 3.64 -13.17 5.30
CA VAL B 139 4.37 -14.40 5.54
C VAL B 139 3.77 -15.17 6.70
N TYR B 140 3.16 -14.46 7.66
CA TYR B 140 2.50 -15.13 8.77
C TYR B 140 1.24 -15.83 8.29
N THR B 141 0.42 -15.14 7.51
CA THR B 141 -0.76 -15.77 6.92
C THR B 141 -0.39 -16.88 5.94
N ALA B 142 0.83 -16.86 5.42
CA ALA B 142 1.24 -17.85 4.42
C ALA B 142 1.70 -19.15 5.07
N LEU B 143 2.51 -19.06 6.11
CA LEU B 143 3.11 -20.23 6.74
C LEU B 143 2.47 -20.62 8.06
N LEU B 144 1.87 -19.68 8.77
CA LEU B 144 1.33 -19.94 10.09
C LEU B 144 -0.19 -20.03 10.04
N GLN B 145 -0.74 -20.88 10.91
CA GLN B 145 -2.17 -20.95 11.11
C GLN B 145 -2.58 -19.88 12.12
N PRO B 146 -3.85 -19.46 12.11
CA PRO B 146 -4.31 -18.48 13.10
C PRO B 146 -4.01 -18.94 14.52
N HIS B 147 -3.52 -18.00 15.33
CA HIS B 147 -3.12 -18.22 16.71
C HIS B 147 -1.89 -19.11 16.85
N ASP B 148 -1.19 -19.40 15.75
CA ASP B 148 0.11 -20.01 15.86
C ASP B 148 1.08 -19.06 16.56
N ARG B 149 2.24 -19.59 16.91
CA ARG B 149 3.16 -18.90 17.81
C ARG B 149 4.40 -18.43 17.08
N ILE B 150 4.89 -17.26 17.50
CA ILE B 150 5.97 -16.52 16.86
C ILE B 150 6.96 -16.14 17.96
N MET B 151 8.21 -15.87 17.55
CA MET B 151 9.17 -15.26 18.45
C MET B 151 9.73 -14.01 17.80
N GLY B 152 9.80 -12.93 18.56
CA GLY B 152 10.23 -11.68 17.97
C GLY B 152 10.93 -10.70 18.88
N LEU B 153 11.91 -9.98 18.31
CA LEU B 153 12.57 -8.92 19.05
C LEU B 153 11.54 -7.87 19.45
N ASP B 154 11.46 -7.60 20.75
CA ASP B 154 10.48 -6.65 21.26
C ASP B 154 10.72 -5.27 20.65
N LEU B 155 9.64 -4.53 20.46
CA LEU B 155 9.76 -3.16 19.95
C LEU B 155 10.68 -2.31 20.83
N PRO B 156 10.58 -2.32 22.16
CA PRO B 156 11.56 -1.58 22.97
C PRO B 156 12.92 -2.25 23.02
N ASP B 157 13.19 -3.18 22.10
CA ASP B 157 14.47 -3.89 22.06
C ASP B 157 15.13 -3.86 20.68
N GLY B 158 14.55 -3.12 19.73
CA GLY B 158 15.19 -2.96 18.43
C GLY B 158 14.32 -3.39 17.28
N GLY B 159 13.04 -3.66 17.55
CA GLY B 159 12.10 -4.10 16.54
C GLY B 159 10.95 -3.13 16.33
N HIS B 160 10.18 -3.40 15.29
CA HIS B 160 8.92 -2.74 14.99
C HIS B 160 7.77 -3.60 15.54
N LEU B 161 6.55 -3.12 15.35
CA LEU B 161 5.38 -3.83 15.84
C LEU B 161 5.05 -5.08 15.04
N THR B 162 5.40 -5.11 13.75
CA THR B 162 5.16 -6.28 12.91
C THR B 162 5.81 -7.53 13.49
N HIS B 163 6.73 -7.40 14.43
CA HIS B 163 7.45 -8.53 15.01
C HIS B 163 6.66 -9.23 16.11
N GLY B 164 5.49 -8.72 16.48
CA GLY B 164 4.71 -9.33 17.53
C GLY B 164 4.91 -8.65 18.86
N TYR B 165 4.21 -7.53 19.06
CA TYR B 165 4.30 -6.76 20.29
C TYR B 165 2.94 -6.69 20.94
N MET B 166 2.83 -7.23 22.15
CA MET B 166 1.69 -7.00 23.01
C MET B 166 2.11 -6.08 24.14
N SER B 167 1.27 -5.11 24.46
CA SER B 167 1.49 -4.34 25.68
C SER B 167 0.91 -5.08 26.87
N ASP B 168 1.31 -4.66 28.06
CA ASP B 168 0.82 -5.28 29.29
C ASP B 168 -0.59 -4.85 29.66
N VAL B 169 -1.32 -4.21 28.74
CA VAL B 169 -2.69 -3.79 28.98
C VAL B 169 -3.52 -4.01 27.72
N LYS B 170 -2.84 -4.13 26.57
CA LYS B 170 -3.53 -4.19 25.30
C LYS B 170 -2.64 -4.88 24.27
N ARG B 171 -3.28 -5.61 23.35
CA ARG B 171 -2.59 -6.16 22.18
C ARG B 171 -2.58 -5.09 21.10
N ILE B 172 -1.38 -4.73 20.66
CA ILE B 172 -1.19 -3.55 19.82
C ILE B 172 -1.05 -3.90 18.35
N SER B 173 -0.15 -4.81 18.01
CA SER B 173 0.05 -5.20 16.62
C SER B 173 -0.89 -6.34 16.25
N ALA B 174 -1.37 -6.31 15.00
CA ALA B 174 -2.26 -7.37 14.53
C ALA B 174 -1.54 -8.71 14.49
N THR B 175 -0.21 -8.71 14.36
CA THR B 175 0.55 -9.94 14.48
C THR B 175 0.44 -10.54 15.87
N SER B 176 0.04 -9.75 16.85
CA SER B 176 -0.17 -10.21 18.22
C SER B 176 -1.63 -10.54 18.51
N ILE B 177 -2.54 -10.13 17.63
CA ILE B 177 -3.96 -10.46 17.80
C ILE B 177 -4.32 -11.74 17.06
N PHE B 178 -3.87 -11.86 15.81
CA PHE B 178 -4.16 -13.04 15.01
C PHE B 178 -3.20 -14.19 15.30
N PHE B 179 -2.03 -13.91 15.85
CA PHE B 179 -1.09 -14.94 16.27
C PHE B 179 -0.61 -14.63 17.68
N GLU B 180 -0.76 -15.60 18.59
CA GLU B 180 -0.20 -15.45 19.92
C GLU B 180 1.31 -15.64 19.89
N SER B 181 2.05 -14.75 20.55
CA SER B 181 3.51 -14.88 20.54
C SER B 181 4.09 -13.98 21.62
N MET B 182 5.38 -14.17 21.89
CA MET B 182 6.09 -13.62 23.03
C MET B 182 7.40 -12.97 22.59
N PRO B 183 7.83 -11.92 23.27
CA PRO B 183 9.00 -11.15 22.81
C PRO B 183 10.30 -11.93 22.94
N TYR B 184 11.26 -11.54 22.12
CA TYR B 184 12.62 -12.08 22.13
C TYR B 184 13.59 -10.95 22.41
N LYS B 185 14.17 -10.93 23.61
CA LYS B 185 14.98 -9.80 24.03
C LYS B 185 16.45 -10.04 23.74
N LEU B 186 17.26 -9.00 23.99
CA LEU B 186 18.71 -9.04 23.87
C LEU B 186 19.34 -8.76 25.23
N ASN B 187 20.65 -8.97 25.32
CA ASN B 187 21.39 -8.76 26.56
C ASN B 187 21.36 -7.29 26.97
N PRO B 188 20.70 -6.97 28.08
CA PRO B 188 20.44 -5.57 28.42
C PRO B 188 21.68 -4.77 28.83
N LYS B 189 22.82 -5.41 29.07
CA LYS B 189 24.05 -4.69 29.40
C LYS B 189 25.19 -5.12 28.49
N THR B 190 24.89 -5.29 27.19
CA THR B 190 25.87 -5.71 26.22
C THR B 190 25.42 -5.26 24.83
N GLY B 191 24.11 -5.20 24.62
CA GLY B 191 23.53 -4.74 23.38
C GLY B 191 23.46 -5.76 22.26
N LEU B 192 24.01 -6.96 22.45
CA LEU B 192 23.92 -8.02 21.47
C LEU B 192 22.78 -8.98 21.81
N ILE B 193 22.38 -9.78 20.83
CA ILE B 193 21.23 -10.68 21.00
C ILE B 193 21.51 -11.67 22.12
N ASP B 194 20.66 -11.67 23.13
CA ASP B 194 20.74 -12.60 24.25
C ASP B 194 20.38 -14.01 23.81
N TYR B 195 21.38 -14.79 23.40
CA TYR B 195 21.15 -16.17 22.99
C TYR B 195 21.00 -17.12 24.17
N ASN B 196 21.08 -16.63 25.41
CA ASN B 196 20.77 -17.44 26.58
C ASN B 196 19.28 -17.39 26.89
N GLN B 197 18.72 -16.19 27.01
CA GLN B 197 17.28 -16.01 27.13
C GLN B 197 16.56 -16.24 25.81
N LEU B 198 17.27 -16.76 24.79
CA LEU B 198 16.66 -17.12 23.52
C LEU B 198 16.33 -18.61 23.46
N ALA B 199 17.33 -19.48 23.64
CA ALA B 199 17.07 -20.91 23.66
C ALA B 199 16.23 -21.31 24.86
N LEU B 200 16.31 -20.53 25.95
CA LEU B 200 15.47 -20.78 27.11
C LEU B 200 14.01 -20.52 26.78
N THR B 201 13.69 -19.28 26.40
CA THR B 201 12.32 -18.93 26.08
C THR B 201 11.82 -19.66 24.85
N ALA B 202 12.72 -20.20 24.03
CA ALA B 202 12.30 -20.92 22.83
C ALA B 202 11.78 -22.31 23.14
N ARG B 203 12.53 -23.10 23.91
CA ARG B 203 12.07 -24.45 24.27
C ARG B 203 10.79 -24.41 25.07
N LEU B 204 10.56 -23.33 25.82
CA LEU B 204 9.36 -23.19 26.61
C LEU B 204 8.20 -22.56 25.84
N PHE B 205 8.42 -22.15 24.60
CA PHE B 205 7.37 -21.54 23.79
C PHE B 205 7.05 -22.30 22.52
N ARG B 206 7.98 -23.07 21.98
CA ARG B 206 7.82 -23.91 20.79
C ARG B 206 6.99 -23.25 19.68
N PRO B 207 7.42 -22.09 19.19
CA PRO B 207 6.68 -21.42 18.11
C PRO B 207 7.01 -22.02 16.76
N ARG B 208 6.22 -21.64 15.76
CA ARG B 208 6.46 -22.10 14.40
C ARG B 208 7.33 -21.14 13.59
N LEU B 209 7.54 -19.91 14.08
CA LEU B 209 8.41 -18.98 13.38
C LEU B 209 8.96 -17.96 14.38
N ILE B 210 10.24 -17.64 14.23
CA ILE B 210 10.88 -16.59 15.00
C ILE B 210 11.30 -15.50 14.03
N ILE B 211 11.46 -14.27 14.55
CA ILE B 211 11.92 -13.18 13.72
C ILE B 211 13.29 -12.70 14.20
N ALA B 212 14.18 -12.44 13.24
CA ALA B 212 15.46 -11.77 13.47
C ALA B 212 15.49 -10.41 12.78
N GLY B 213 14.58 -9.51 13.17
CA GLY B 213 14.37 -8.26 12.46
C GLY B 213 14.92 -7.08 13.25
N THR B 214 15.38 -6.06 12.53
CA THR B 214 16.06 -4.94 13.14
C THR B 214 15.37 -3.62 12.79
N SER B 215 15.08 -2.85 13.83
CA SER B 215 14.64 -1.47 13.74
C SER B 215 15.57 -0.51 14.45
N ALA B 216 16.23 -0.98 15.53
CA ALA B 216 17.16 -0.19 16.34
C ALA B 216 18.16 -1.17 16.94
N TYR B 217 19.14 -1.57 16.12
CA TYR B 217 20.15 -2.53 16.53
C TYR B 217 21.40 -2.27 15.70
N ALA B 218 22.50 -1.95 16.38
CA ALA B 218 23.67 -1.38 15.72
C ALA B 218 24.66 -2.41 15.18
N ARG B 219 24.52 -3.69 15.53
CA ARG B 219 25.49 -4.69 15.14
C ARG B 219 24.84 -5.75 14.24
N LEU B 220 25.58 -6.85 14.03
CA LEU B 220 25.24 -7.86 13.04
C LEU B 220 24.54 -9.05 13.69
N ILE B 221 23.63 -9.66 12.92
CA ILE B 221 22.90 -10.85 13.35
C ILE B 221 23.73 -12.08 12.99
N ASP B 222 23.91 -12.97 13.95
CA ASP B 222 24.54 -14.27 13.70
C ASP B 222 23.49 -15.19 13.07
N TYR B 223 23.52 -15.30 11.74
CA TYR B 223 22.48 -16.05 11.04
C TYR B 223 22.58 -17.55 11.27
N ALA B 224 23.79 -18.11 11.12
CA ALA B 224 23.98 -19.54 11.36
C ALA B 224 23.65 -19.92 12.78
N ARG B 225 23.89 -19.02 13.74
CA ARG B 225 23.51 -19.27 15.13
C ARG B 225 22.02 -19.57 15.26
N MET B 226 21.18 -18.60 14.91
CA MET B 226 19.73 -18.74 15.07
C MET B 226 19.10 -19.73 14.10
N ARG B 227 19.80 -20.14 13.05
CA ARG B 227 19.21 -21.11 12.13
C ARG B 227 19.09 -22.48 12.78
N GLU B 228 20.13 -22.93 13.47
CA GLU B 228 20.05 -24.20 14.18
C GLU B 228 19.27 -24.08 15.49
N VAL B 229 19.17 -22.88 16.06
CA VAL B 229 18.26 -22.69 17.18
C VAL B 229 16.83 -22.89 16.70
N CYS B 230 16.57 -22.55 15.43
CA CYS B 230 15.24 -22.67 14.86
C CYS B 230 14.89 -24.11 14.50
N ASP B 231 15.89 -24.99 14.39
CA ASP B 231 15.63 -26.41 14.18
C ASP B 231 15.62 -27.18 15.49
N GLU B 232 16.27 -26.64 16.52
CA GLU B 232 16.12 -27.22 17.85
C GLU B 232 14.71 -26.97 18.38
N VAL B 233 14.15 -25.81 18.02
CA VAL B 233 12.79 -25.46 18.40
C VAL B 233 11.77 -25.79 17.31
N LYS B 234 12.23 -26.25 16.15
CA LYS B 234 11.39 -26.43 14.97
C LYS B 234 10.58 -25.16 14.69
N ALA B 235 11.30 -24.13 14.26
CA ALA B 235 10.70 -22.87 13.86
C ALA B 235 11.40 -22.33 12.62
N HIS B 236 10.66 -21.55 11.83
CA HIS B 236 11.22 -20.82 10.72
C HIS B 236 11.72 -19.47 11.20
N LEU B 237 12.91 -19.06 10.78
CA LEU B 237 13.45 -17.77 11.16
C LEU B 237 13.24 -16.76 10.04
N LEU B 238 12.60 -15.65 10.36
CA LEU B 238 12.39 -14.56 9.41
C LEU B 238 13.01 -13.29 9.99
N ALA B 239 13.69 -12.52 9.16
CA ALA B 239 14.29 -11.25 9.55
C ALA B 239 13.60 -10.11 8.82
N ASP B 240 14.01 -8.89 9.14
CA ASP B 240 13.59 -7.70 8.40
C ASP B 240 14.84 -6.97 7.89
N MET B 241 15.11 -7.08 6.58
CA MET B 241 16.22 -6.34 6.00
C MET B 241 15.86 -4.87 5.83
N ALA B 242 14.90 -4.39 6.63
CA ALA B 242 14.40 -3.04 6.44
C ALA B 242 15.51 -2.00 6.54
N HIS B 243 16.37 -2.14 7.54
CA HIS B 243 17.45 -1.19 7.78
C HIS B 243 18.77 -1.61 7.15
N ILE B 244 18.78 -2.68 6.35
CA ILE B 244 20.02 -3.21 5.80
C ILE B 244 19.78 -3.72 4.38
N SER B 245 18.68 -3.28 3.75
CA SER B 245 18.32 -3.80 2.43
C SER B 245 19.46 -3.64 1.43
N GLY B 246 19.99 -2.42 1.31
CA GLY B 246 21.09 -2.18 0.39
C GLY B 246 22.42 -2.66 0.92
N LEU B 247 22.58 -2.74 2.24
CA LEU B 247 23.82 -3.25 2.82
C LEU B 247 24.04 -4.71 2.45
N VAL B 248 22.96 -5.51 2.41
CA VAL B 248 23.11 -6.90 2.01
C VAL B 248 23.27 -7.03 0.49
N ALA B 249 22.68 -6.11 -0.29
CA ALA B 249 22.66 -6.26 -1.75
C ALA B 249 24.01 -5.99 -2.38
N ALA B 250 24.74 -4.99 -1.88
CA ALA B 250 26.06 -4.63 -2.40
C ALA B 250 27.19 -5.44 -1.78
N LYS B 251 26.85 -6.57 -1.14
CA LYS B 251 27.79 -7.47 -0.47
C LYS B 251 28.67 -6.76 0.57
N VAL B 252 28.27 -5.55 0.97
CA VAL B 252 29.02 -4.83 2.00
C VAL B 252 28.78 -5.47 3.36
N ILE B 253 27.55 -5.90 3.62
CA ILE B 253 27.20 -6.57 4.88
C ILE B 253 26.73 -7.99 4.53
N PRO B 254 26.89 -8.94 5.43
CA PRO B 254 26.45 -10.32 5.14
C PRO B 254 24.97 -10.46 4.87
N SER B 255 24.63 -11.43 3.98
CA SER B 255 23.32 -11.77 3.46
C SER B 255 22.79 -13.06 4.08
N PRO B 256 21.48 -13.27 4.07
CA PRO B 256 20.88 -14.50 4.62
C PRO B 256 20.61 -15.62 3.63
N PHE B 257 21.05 -15.53 2.39
CA PHE B 257 20.53 -16.47 1.41
C PHE B 257 21.21 -17.83 1.47
N LYS B 258 22.07 -18.03 2.46
CA LYS B 258 22.59 -19.34 2.80
C LYS B 258 22.25 -19.76 4.23
N HIS B 259 21.66 -18.87 5.03
CA HIS B 259 21.38 -19.17 6.43
C HIS B 259 19.96 -18.79 6.86
N ALA B 260 19.03 -18.60 5.92
CA ALA B 260 17.69 -18.17 6.32
C ALA B 260 16.60 -18.78 5.43
N ILE B 262 13.36 -18.08 4.28
CA ILE B 262 12.69 -16.88 3.77
C ILE B 262 12.89 -15.72 4.77
N VAL B 263 13.05 -14.51 4.22
CA VAL B 263 13.18 -13.27 5.01
C VAL B 263 12.65 -12.08 4.19
N THR B 264 11.86 -11.22 4.84
CA THR B 264 11.17 -10.12 4.17
C THR B 264 11.91 -8.79 4.35
N THR B 265 11.61 -7.82 3.47
CA THR B 265 12.21 -6.49 3.56
C THR B 265 11.34 -5.44 2.90
N THR B 266 11.62 -4.19 3.25
CA THR B 266 11.02 -3.00 2.66
C THR B 266 11.81 -2.59 1.43
N THR B 267 11.19 -1.75 0.60
CA THR B 267 11.86 -1.27 -0.59
C THR B 267 12.73 -0.05 -0.34
N HIS B 268 12.39 0.78 0.63
CA HIS B 268 13.11 2.03 0.82
C HIS B 268 14.14 1.90 1.92
N1 LLP B 269 10.01 -3.73 10.14
C2 LLP B 269 10.89 -2.83 10.59
C2' LLP B 269 11.93 -3.24 11.68
C3 LLP B 269 10.91 -1.50 10.07
O3 LLP B 269 11.84 -0.58 10.55
C4 LLP B 269 10.01 -1.13 9.12
C4' LLP B 269 10.05 0.38 8.56
C5 LLP B 269 9.09 -2.04 8.65
C6 LLP B 269 9.09 -3.34 9.16
C5' LLP B 269 8.05 -1.65 7.56
OP4 LLP B 269 7.13 -0.70 8.04
P LLP B 269 6.33 0.12 7.00
OP1 LLP B 269 4.93 -0.51 6.81
OP2 LLP B 269 7.06 0.10 5.71
OP3 LLP B 269 6.18 1.52 7.47
N LLP B 269 14.18 2.91 2.80
CA LLP B 269 15.14 2.97 3.92
CB LLP B 269 14.84 1.87 4.91
CG LLP B 269 13.36 1.89 5.29
CD LLP B 269 13.15 1.22 6.65
CE LLP B 269 11.64 1.16 6.97
NZ LLP B 269 11.42 0.77 8.37
C LLP B 269 16.55 2.90 3.45
O LLP B 269 17.22 3.92 3.41
N THR B 270 17.03 1.71 3.08
CA THR B 270 18.43 1.54 2.71
C THR B 270 18.60 1.37 1.21
N LEU B 271 17.58 0.84 0.54
CA LEU B 271 17.64 0.64 -0.90
C LEU B 271 17.33 1.90 -1.69
N ARG B 272 16.89 2.98 -1.03
CA ARG B 272 16.67 4.27 -1.66
C ARG B 272 15.65 4.17 -2.80
N GLY B 273 14.45 3.71 -2.45
CA GLY B 273 13.40 3.53 -3.42
C GLY B 273 12.03 3.98 -2.95
N ALA B 274 10.99 3.60 -3.69
CA ALA B 274 9.62 3.95 -3.39
C ALA B 274 9.10 3.15 -2.20
N ARG B 275 7.94 3.55 -1.70
CA ARG B 275 7.33 2.88 -0.55
C ARG B 275 6.61 1.62 -1.00
N SER B 276 7.27 0.48 -0.81
CA SER B 276 6.68 -0.82 -1.10
C SER B 276 7.38 -1.85 -0.23
N GLY B 277 7.18 -3.13 -0.55
CA GLY B 277 7.85 -4.20 0.16
C GLY B 277 7.93 -5.44 -0.69
N LEU B 278 8.81 -6.36 -0.30
CA LEU B 278 8.86 -7.67 -0.92
C LEU B 278 9.24 -8.72 0.11
N ILE B 279 9.09 -9.98 -0.28
CA ILE B 279 9.32 -11.13 0.59
C ILE B 279 10.21 -12.10 -0.16
N PHE B 280 11.35 -12.43 0.42
CA PHE B 280 12.33 -13.33 -0.21
C PHE B 280 12.11 -14.72 0.38
N TYR B 281 11.83 -15.68 -0.49
CA TYR B 281 11.59 -17.06 -0.08
C TYR B 281 12.46 -17.99 -0.90
N ARG B 282 12.94 -19.06 -0.27
CA ARG B 282 13.76 -20.03 -0.98
C ARG B 282 12.88 -21.00 -1.77
N LYS B 283 13.33 -21.35 -2.97
CA LYS B 283 12.60 -22.25 -3.84
C LYS B 283 13.41 -23.52 -4.07
N GLY B 284 12.71 -24.60 -4.39
CA GLY B 284 13.35 -25.86 -4.70
C GLY B 284 13.43 -26.79 -3.49
N VAL B 285 14.32 -27.78 -3.64
CA VAL B 285 14.51 -28.78 -2.60
C VAL B 285 15.24 -28.18 -1.41
N LYS B 286 14.89 -28.64 -0.21
CA LYS B 286 15.56 -28.20 1.01
C LYS B 286 16.82 -29.02 1.28
N ARG B 294 13.38 -39.60 -3.59
CA ARG B 294 13.12 -38.17 -3.77
C ARG B 294 13.45 -37.39 -2.50
N GLU B 295 13.81 -36.13 -2.66
CA GLU B 295 14.19 -35.26 -1.56
C GLU B 295 13.01 -34.39 -1.15
N ILE B 296 13.06 -33.89 0.08
CA ILE B 296 11.98 -33.04 0.60
C ILE B 296 12.19 -31.63 0.08
N PRO B 297 11.17 -31.02 -0.52
CA PRO B 297 11.31 -29.65 -1.04
C PRO B 297 11.11 -28.58 0.02
N TYR B 298 11.01 -27.33 -0.44
CA TYR B 298 10.72 -26.19 0.40
C TYR B 298 9.27 -25.79 0.22
N THR B 299 8.56 -25.62 1.33
CA THR B 299 7.15 -25.31 1.25
C THR B 299 6.88 -23.83 1.06
N PHE B 300 7.92 -22.99 1.17
CA PHE B 300 7.80 -21.54 1.00
C PHE B 300 7.75 -21.23 -0.50
N GLU B 301 6.66 -21.62 -1.15
CA GLU B 301 6.65 -21.39 -2.59
C GLU B 301 5.42 -20.62 -3.06
N ASP B 302 4.26 -21.29 -3.11
CA ASP B 302 3.03 -20.68 -3.58
C ASP B 302 2.15 -20.17 -2.45
N ARG B 303 2.45 -20.52 -1.20
CA ARG B 303 1.65 -20.06 -0.09
C ARG B 303 1.93 -18.59 0.24
N ILE B 304 3.18 -18.15 0.09
CA ILE B 304 3.47 -16.72 0.20
C ILE B 304 2.78 -15.97 -0.93
N ASN B 305 2.88 -16.49 -2.15
CA ASN B 305 2.21 -15.85 -3.29
C ASN B 305 0.71 -15.81 -3.08
N PHE B 306 0.14 -16.85 -2.44
CA PHE B 306 -1.29 -16.87 -2.18
C PHE B 306 -1.68 -15.95 -1.03
N ALA B 307 -0.75 -15.66 -0.11
CA ALA B 307 -1.08 -14.83 1.05
C ALA B 307 -1.17 -13.35 0.68
N VAL B 308 -0.25 -12.85 -0.15
CA VAL B 308 -0.31 -11.46 -0.56
C VAL B 308 -1.49 -11.23 -1.50
N PHE B 309 -1.87 -12.26 -2.26
CA PHE B 309 -3.05 -12.23 -3.12
C PHE B 309 -3.48 -13.66 -3.40
N PRO B 310 -4.77 -13.98 -3.29
CA PRO B 310 -5.87 -13.06 -3.02
C PRO B 310 -6.25 -12.95 -1.55
N SER B 311 -5.35 -13.35 -0.65
CA SER B 311 -5.71 -13.44 0.76
C SER B 311 -5.79 -12.05 1.41
N LEU B 312 -4.70 -11.29 1.35
CA LEU B 312 -4.60 -10.06 2.15
C LEU B 312 -4.76 -8.78 1.34
N GLN B 313 -4.24 -8.73 0.12
CA GLN B 313 -4.29 -7.52 -0.70
C GLN B 313 -5.09 -7.79 -1.97
N GLY B 314 -5.14 -6.78 -2.83
CA GLY B 314 -5.84 -6.90 -4.10
C GLY B 314 -5.03 -6.40 -5.27
N GLY B 315 -5.33 -5.17 -5.72
CA GLY B 315 -4.64 -4.58 -6.84
C GLY B 315 -3.20 -4.23 -6.52
N PRO B 316 -2.27 -4.80 -7.28
CA PRO B 316 -0.85 -4.47 -7.09
C PRO B 316 -0.58 -3.04 -7.51
N HIS B 317 0.16 -2.31 -6.66
CA HIS B 317 0.54 -0.93 -6.96
C HIS B 317 1.69 -1.00 -7.98
N ASN B 318 1.31 -1.18 -9.25
CA ASN B 318 2.29 -1.39 -10.30
C ASN B 318 3.21 -0.19 -10.46
N HIS B 319 2.70 1.02 -10.19
CA HIS B 319 3.55 2.20 -10.21
C HIS B 319 4.64 2.11 -9.15
N ALA B 320 4.34 1.48 -8.01
CA ALA B 320 5.36 1.28 -7.00
C ALA B 320 6.27 0.11 -7.38
N ILE B 321 5.72 -0.96 -7.96
CA ILE B 321 6.56 -2.10 -8.35
C ILE B 321 7.62 -1.67 -9.35
N ALA B 322 7.24 -0.80 -10.29
CA ALA B 322 8.21 -0.31 -11.28
C ALA B 322 9.17 0.71 -10.68
N ALA B 323 8.67 1.57 -9.78
CA ALA B 323 9.53 2.58 -9.18
C ALA B 323 10.68 1.93 -8.41
N VAL B 324 10.36 0.85 -7.69
CA VAL B 324 11.35 0.16 -6.89
C VAL B 324 12.28 -0.67 -7.76
N ALA B 325 11.79 -1.18 -8.90
CA ALA B 325 12.66 -1.89 -9.83
C ALA B 325 13.69 -0.95 -10.44
N VAL B 326 13.36 0.33 -10.58
CA VAL B 326 14.37 1.31 -10.97
C VAL B 326 15.41 1.42 -9.87
N ALA B 327 14.97 1.44 -8.61
CA ALA B 327 15.91 1.40 -7.50
C ALA B 327 16.54 0.02 -7.34
N LEU B 328 15.95 -1.02 -7.93
CA LEU B 328 16.57 -2.33 -7.93
C LEU B 328 17.71 -2.40 -8.94
N LYS B 329 17.58 -1.66 -10.04
CA LYS B 329 18.71 -1.49 -10.94
C LYS B 329 19.76 -0.59 -10.32
N GLN B 330 19.35 0.40 -9.54
CA GLN B 330 20.27 1.17 -8.74
C GLN B 330 21.14 0.28 -7.86
N ALA B 331 20.58 -0.82 -7.32
CA ALA B 331 21.32 -1.68 -6.38
C ALA B 331 22.37 -2.54 -7.07
N CYS B 332 22.35 -2.66 -8.40
CA CYS B 332 23.34 -3.45 -9.12
C CYS B 332 24.48 -2.59 -9.68
N THR B 333 24.58 -1.33 -9.27
CA THR B 333 25.54 -0.41 -9.86
C THR B 333 26.76 -0.26 -8.95
N PRO B 334 27.93 0.05 -9.53
CA PRO B 334 29.10 0.32 -8.70
C PRO B 334 28.96 1.54 -7.80
N MET B 335 28.15 2.52 -8.20
CA MET B 335 27.92 3.68 -7.34
C MET B 335 27.22 3.27 -6.05
N PHE B 336 26.27 2.35 -6.15
CA PHE B 336 25.55 1.89 -4.97
C PHE B 336 26.47 1.09 -4.05
N ARG B 337 27.44 0.38 -4.61
CA ARG B 337 28.44 -0.31 -3.79
C ARG B 337 29.29 0.70 -3.02
N GLU B 338 29.67 1.80 -3.67
CA GLU B 338 30.43 2.84 -3.00
C GLU B 338 29.54 3.67 -2.08
N TYR B 339 28.29 3.90 -2.47
CA TYR B 339 27.35 4.57 -1.58
C TYR B 339 27.14 3.75 -0.30
N SER B 340 27.03 2.43 -0.43
CA SER B 340 26.81 1.59 0.74
C SER B 340 28.06 1.54 1.62
N LEU B 341 29.25 1.49 1.01
CA LEU B 341 30.46 1.62 1.79
C LEU B 341 30.54 2.98 2.47
N GLN B 342 29.92 3.99 1.87
CA GLN B 342 29.88 5.30 2.49
C GLN B 342 28.99 5.30 3.72
N VAL B 343 27.86 4.60 3.68
CA VAL B 343 26.91 4.69 4.80
C VAL B 343 27.47 4.01 6.05
N LEU B 344 28.21 2.91 5.89
CA LEU B 344 28.81 2.27 7.05
C LEU B 344 29.99 3.08 7.57
N LYS B 345 30.87 3.53 6.66
CA LYS B 345 31.98 4.38 7.07
C LYS B 345 31.50 5.67 7.72
N ASN B 346 30.38 6.21 7.22
CA ASN B 346 29.83 7.42 7.82
C ASN B 346 29.14 7.11 9.14
N ALA B 347 28.47 5.96 9.25
CA ALA B 347 27.85 5.58 10.51
C ALA B 347 28.90 5.36 11.59
N ARG B 348 30.06 4.82 11.21
CA ARG B 348 31.16 4.67 12.16
C ARG B 348 31.86 5.99 12.41
N ALA B 349 31.95 6.86 11.41
CA ALA B 349 32.49 8.20 11.63
C ALA B 349 31.55 9.04 12.47
N MET B 350 30.24 8.92 12.24
CA MET B 350 29.27 9.59 13.10
C MET B 350 29.38 9.08 14.53
N ALA B 351 29.58 7.77 14.70
CA ALA B 351 29.72 7.21 16.03
C ALA B 351 31.01 7.67 16.70
N ASP B 352 32.15 7.53 16.02
CA ASP B 352 33.44 7.90 16.60
C ASP B 352 33.46 9.37 16.98
N ALA B 353 32.80 10.23 16.22
CA ALA B 353 32.69 11.63 16.62
C ALA B 353 31.72 11.77 17.79
N LEU B 354 30.57 11.09 17.72
CA LEU B 354 29.67 11.05 18.86
C LEU B 354 30.34 10.42 20.07
N LEU B 355 31.23 9.45 19.84
CA LEU B 355 31.92 8.82 20.95
C LEU B 355 32.79 9.82 21.70
N GLU B 356 33.54 10.64 20.97
CA GLU B 356 34.48 11.55 21.60
C GLU B 356 33.79 12.72 22.28
N ARG B 357 32.57 13.05 21.90
CA ARG B 357 31.90 14.21 22.45
C ARG B 357 31.40 14.00 23.87
N GLY B 358 31.65 12.84 24.47
CA GLY B 358 31.17 12.55 25.79
C GLY B 358 29.87 11.80 25.86
N TYR B 359 29.52 11.06 24.82
CA TYR B 359 28.28 10.30 24.78
C TYR B 359 28.56 8.82 25.02
N SER B 360 27.76 8.20 25.88
CA SER B 360 27.74 6.75 25.94
C SER B 360 26.81 6.22 24.86
N LEU B 361 27.15 5.04 24.35
CA LEU B 361 26.47 4.48 23.20
C LEU B 361 26.25 3.00 23.44
N VAL B 362 24.98 2.59 23.44
CA VAL B 362 24.67 1.17 23.61
C VAL B 362 25.28 0.40 22.45
N SER B 363 25.43 -0.91 22.64
CA SER B 363 25.98 -1.83 21.65
C SER B 363 27.51 -1.77 21.64
N GLY B 364 28.07 -0.67 22.13
CA GLY B 364 29.51 -0.50 22.13
C GLY B 364 30.00 0.44 21.05
N GLY B 365 29.45 0.26 19.85
CA GLY B 365 29.77 1.08 18.69
C GLY B 365 28.72 0.92 17.61
N THR B 366 29.16 0.57 16.41
CA THR B 366 28.22 0.45 15.29
C THR B 366 28.84 -0.42 14.21
N ASP B 367 27.99 -1.26 13.59
CA ASP B 367 28.41 -2.04 12.42
C ASP B 367 27.34 -2.01 11.33
N ASN B 368 26.42 -1.05 11.38
CA ASN B 368 25.36 -0.95 10.38
C ASN B 368 25.27 0.47 9.82
N HIS B 369 24.05 0.93 9.57
CA HIS B 369 23.79 2.25 9.06
C HIS B 369 23.24 3.18 10.15
N LEU B 370 23.08 2.68 11.37
CA LEU B 370 22.31 3.33 12.40
C LEU B 370 23.15 3.56 13.65
N VAL B 371 22.70 4.50 14.47
CA VAL B 371 23.27 4.78 15.77
C VAL B 371 22.17 4.72 16.81
N LEU B 372 22.52 4.23 18.00
CA LEU B 372 21.56 4.09 19.10
C LEU B 372 22.15 4.81 20.33
N VAL B 373 22.25 6.14 20.24
CA VAL B 373 22.93 6.89 21.28
C VAL B 373 22.23 6.71 22.62
N ASP B 374 23.03 6.53 23.67
CA ASP B 374 22.54 6.39 25.04
C ASP B 374 22.79 7.70 25.76
N LEU B 375 21.74 8.52 25.89
CA LEU B 375 21.88 9.87 26.42
C LEU B 375 21.66 9.97 27.91
N ARG B 376 21.24 8.90 28.59
CA ARG B 376 20.98 9.00 30.03
C ARG B 376 22.21 9.36 30.87
N PRO B 377 23.40 8.79 30.65
CA PRO B 377 24.56 9.21 31.44
C PRO B 377 24.98 10.65 31.20
N LYS B 378 24.46 11.30 30.16
CA LYS B 378 24.75 12.69 29.88
C LYS B 378 23.63 13.62 30.34
N GLY B 379 22.72 13.13 31.19
CA GLY B 379 21.63 13.94 31.69
C GLY B 379 20.54 14.26 30.69
N LEU B 380 20.56 13.62 29.52
CA LEU B 380 19.55 13.81 28.50
C LEU B 380 18.76 12.52 28.30
N ASP B 381 17.69 12.61 27.53
CA ASP B 381 16.85 11.46 27.23
C ASP B 381 16.31 11.58 25.81
N GLY B 382 15.45 10.64 25.44
CA GLY B 382 14.94 10.61 24.08
C GLY B 382 13.91 11.69 23.79
N ALA B 383 12.98 11.91 24.72
CA ALA B 383 11.87 12.81 24.43
C ALA B 383 12.32 14.26 24.29
N ARG B 384 13.21 14.71 25.18
CA ARG B 384 13.64 16.10 25.18
C ARG B 384 14.57 16.38 24.02
N GLU B 386 14.32 15.25 21.02
CA GLU B 386 13.67 15.13 19.73
C GLU B 386 12.85 16.37 19.41
N ARG B 387 12.25 16.97 20.45
CA ARG B 387 11.53 18.22 20.26
C ARG B 387 12.48 19.38 20.03
N VAL B 388 13.59 19.41 20.75
CA VAL B 388 14.56 20.50 20.62
C VAL B 388 15.13 20.51 19.22
N LEU B 389 15.61 19.35 18.75
CA LEU B 389 16.18 19.25 17.42
C LEU B 389 15.12 19.37 16.32
N GLU B 390 13.84 19.16 16.67
CA GLU B 390 12.77 19.33 15.69
C GLU B 390 12.66 20.80 15.25
N LEU B 391 12.69 21.71 16.21
CA LEU B 391 12.63 23.13 15.91
C LEU B 391 13.96 23.67 15.39
N VAL B 392 14.99 22.82 15.37
CA VAL B 392 16.26 23.18 14.74
C VAL B 392 16.37 22.60 13.33
N SER B 393 15.44 21.71 12.94
CA SER B 393 15.36 21.09 11.61
C SER B 393 16.40 20.00 11.38
N ILE B 394 16.60 19.17 12.40
CA ILE B 394 17.21 17.84 12.25
C ILE B 394 16.29 16.86 12.93
N THR B 395 15.72 15.97 12.15
CA THR B 395 14.61 15.13 12.62
C THR B 395 15.16 13.81 13.15
N ALA B 396 14.95 13.57 14.43
CA ALA B 396 15.32 12.31 15.06
C ALA B 396 14.07 11.66 15.65
N ASN B 397 14.27 10.55 16.34
CA ASN B 397 13.15 9.83 16.93
C ASN B 397 13.60 9.23 18.26
N LYS B 398 12.65 9.18 19.21
CA LYS B 398 12.93 8.55 20.48
C LYS B 398 13.21 7.06 20.26
N ASN B 399 14.09 6.52 21.09
CA ASN B 399 14.51 5.14 20.98
C ASN B 399 14.52 4.54 22.37
N THR B 400 14.11 3.28 22.47
CA THR B 400 13.98 2.64 23.76
C THR B 400 15.35 2.43 24.36
N CYS B 401 15.53 2.92 25.56
CA CYS B 401 16.79 2.80 26.24
C CYS B 401 17.03 1.34 26.60
N PRO B 402 18.19 0.78 26.25
CA PRO B 402 18.43 -0.65 26.50
C PRO B 402 18.17 -1.07 27.94
N GLY B 403 18.25 -0.15 28.89
CA GLY B 403 18.03 -0.48 30.28
C GLY B 403 17.71 0.72 31.15
N ASP B 404 16.47 1.18 31.05
CA ASP B 404 15.97 2.28 31.87
C ASP B 404 14.69 1.83 32.58
N ARG B 405 13.88 2.81 32.98
CA ARG B 405 12.63 2.55 33.69
C ARG B 405 11.43 2.83 32.80
N ILE B 408 7.31 6.91 30.01
CA ILE B 408 6.80 7.93 29.10
C ILE B 408 7.97 8.64 28.41
N THR B 409 9.11 8.70 29.10
CA THR B 409 10.30 9.34 28.54
C THR B 409 11.39 8.32 28.24
N PRO B 410 11.72 8.07 26.97
CA PRO B 410 12.79 7.12 26.65
C PRO B 410 14.14 7.67 27.09
N GLY B 411 15.23 6.98 26.78
CA GLY B 411 16.52 7.46 27.24
C GLY B 411 17.55 7.62 26.14
N GLY B 412 17.15 7.37 24.89
CA GLY B 412 18.06 7.49 23.77
C GLY B 412 17.30 7.85 22.51
N LEU B 413 18.06 8.04 21.43
CA LEU B 413 17.49 8.40 20.15
C LEU B 413 18.25 7.66 19.06
N ARG B 414 17.66 7.62 17.85
CA ARG B 414 18.16 6.82 16.74
C ARG B 414 18.44 7.69 15.52
N LEU B 415 19.70 7.75 15.10
CA LEU B 415 20.12 8.49 13.90
C LEU B 415 20.47 7.53 12.76
N GLY B 416 20.04 7.88 11.55
CA GLY B 416 20.32 7.07 10.38
C GLY B 416 21.13 7.79 9.33
N ALA B 417 22.30 7.25 8.99
CA ALA B 417 23.23 7.86 8.05
C ALA B 417 22.73 7.88 6.60
N PRO B 418 22.13 6.80 6.07
CA PRO B 418 21.86 6.77 4.62
C PRO B 418 20.95 7.87 4.10
N ALA B 419 20.26 8.61 4.98
CA ALA B 419 19.34 9.64 4.51
C ALA B 419 20.11 10.79 3.85
N LEU B 420 21.02 11.43 4.57
CA LEU B 420 21.81 12.51 3.99
C LEU B 420 23.04 12.00 3.26
N THR B 421 23.45 10.75 3.50
CA THR B 421 24.53 10.16 2.72
C THR B 421 24.15 10.08 1.24
N SER B 422 22.84 9.97 0.95
CA SER B 422 22.37 10.08 -0.42
C SER B 422 22.56 11.47 -1.00
N ARG B 423 22.77 12.48 -0.14
CA ARG B 423 23.06 13.83 -0.57
C ARG B 423 24.55 14.06 -0.79
N GLN B 424 25.31 13.01 -1.10
CA GLN B 424 26.75 13.09 -1.35
C GLN B 424 27.50 13.61 -0.14
N PHE B 425 27.05 13.27 1.06
CA PHE B 425 27.75 13.64 2.28
C PHE B 425 29.06 12.86 2.39
N ARG B 426 29.97 13.38 3.21
CA ARG B 426 31.27 12.75 3.44
C ARG B 426 31.56 12.67 4.92
N GLU B 427 32.67 12.01 5.25
CA GLU B 427 33.05 11.80 6.64
C GLU B 427 33.45 13.11 7.31
N ASP B 428 34.15 13.98 6.58
CA ASP B 428 34.45 15.31 7.11
C ASP B 428 33.17 16.10 7.33
N ASP B 429 32.14 15.84 6.53
CA ASP B 429 30.82 16.38 6.74
C ASP B 429 30.00 15.55 7.73
N PHE B 430 30.51 14.39 8.15
CA PHE B 430 29.82 13.52 9.08
C PHE B 430 30.29 13.69 10.52
N ARG B 431 31.40 14.37 10.73
CA ARG B 431 31.70 14.96 12.03
C ARG B 431 31.23 16.40 12.09
N ARG B 432 30.97 17.00 10.93
CA ARG B 432 30.28 18.27 10.87
C ARG B 432 28.89 18.18 11.47
N VAL B 433 28.16 17.09 11.18
CA VAL B 433 26.86 16.89 11.83
C VAL B 433 27.02 16.87 13.35
N VAL B 434 28.05 16.19 13.85
CA VAL B 434 28.11 15.89 15.28
C VAL B 434 28.13 17.16 16.13
N ASP B 435 28.85 18.20 15.69
CA ASP B 435 28.85 19.42 16.47
C ASP B 435 27.45 20.05 16.53
N PHE B 436 26.66 19.90 15.47
CA PHE B 436 25.31 20.42 15.50
C PHE B 436 24.41 19.57 16.39
N ILE B 437 24.62 18.25 16.44
CA ILE B 437 23.88 17.47 17.42
C ILE B 437 24.36 17.81 18.84
N ASP B 438 25.68 17.95 19.03
CA ASP B 438 26.20 18.33 20.34
C ASP B 438 25.63 19.67 20.79
N GLU B 439 25.54 20.64 19.87
CA GLU B 439 24.96 21.93 20.22
C GLU B 439 23.48 21.80 20.53
N GLY B 440 22.76 20.95 19.80
CA GLY B 440 21.34 20.78 20.03
C GLY B 440 21.04 20.15 21.38
N VAL B 441 21.88 19.20 21.81
CA VAL B 441 21.70 18.56 23.11
C VAL B 441 21.80 19.60 24.24
N ASN B 442 22.77 20.51 24.13
CA ASN B 442 23.01 21.48 25.19
C ASN B 442 21.84 22.44 25.41
N ILE B 443 21.02 22.67 24.39
CA ILE B 443 19.82 23.49 24.58
C ILE B 443 18.82 22.76 25.45
N GLY B 444 18.59 21.48 25.17
CA GLY B 444 17.69 20.70 26.00
C GLY B 444 18.27 20.42 27.38
N LEU B 445 19.59 20.29 27.47
CA LEU B 445 20.21 20.01 28.76
C LEU B 445 20.10 21.18 29.73
N GLU B 446 20.01 22.41 29.21
CA GLU B 446 19.89 23.57 30.10
C GLU B 446 18.45 23.90 30.47
N VAL B 447 17.51 23.69 29.54
CA VAL B 447 16.11 23.94 29.87
C VAL B 447 15.57 22.85 30.79
N LYS B 448 16.12 21.64 30.69
CA LYS B 448 15.75 20.57 31.61
C LYS B 448 16.12 20.93 33.05
N SER B 449 17.24 21.64 33.24
CA SER B 449 17.62 22.09 34.57
C SER B 449 16.75 23.23 35.06
N LYS B 450 16.07 23.95 34.17
CA LYS B 450 15.22 25.06 34.54
C LYS B 450 13.74 24.66 34.65
N THR B 451 13.39 23.43 34.29
CA THR B 451 12.05 22.93 34.49
C THR B 451 12.03 21.58 35.20
N ALA B 452 10.85 20.98 35.23
CA ALA B 452 10.64 19.67 35.82
C ALA B 452 9.73 18.88 34.89
N LYS B 453 8.51 19.37 34.67
CA LYS B 453 7.62 18.76 33.71
C LYS B 453 8.23 18.81 32.30
N LEU B 454 7.64 18.03 31.39
CA LEU B 454 7.97 18.10 29.97
C LEU B 454 6.85 18.69 29.13
N GLN B 455 5.64 18.77 29.67
CA GLN B 455 4.64 19.65 29.09
C GLN B 455 5.05 21.10 29.23
N ASP B 456 5.90 21.40 30.21
CA ASP B 456 6.52 22.70 30.36
C ASP B 456 7.87 22.79 29.65
N PHE B 457 8.55 21.66 29.43
CA PHE B 457 9.82 21.70 28.73
C PHE B 457 9.63 22.09 27.26
N LYS B 458 8.57 21.60 26.63
CA LYS B 458 8.34 21.91 25.22
C LYS B 458 7.71 23.28 25.05
N SER B 459 6.98 23.75 26.07
CA SER B 459 6.49 25.12 26.11
C SER B 459 7.58 26.09 26.52
N PHE B 460 8.70 25.58 27.04
CA PHE B 460 9.86 26.44 27.32
C PHE B 460 10.40 27.04 26.03
N LEU B 461 10.53 26.22 24.99
CA LEU B 461 11.08 26.66 23.71
C LEU B 461 10.16 27.59 22.96
N LEU B 462 8.97 27.88 23.47
CA LEU B 462 8.00 28.76 22.81
C LEU B 462 7.90 30.14 23.46
N LYS B 463 7.94 30.20 24.79
CA LYS B 463 7.67 31.43 25.53
C LYS B 463 8.91 32.04 26.19
N ASP B 464 10.05 31.33 26.22
CA ASP B 464 11.23 31.86 26.90
C ASP B 464 11.78 33.09 26.20
N SER B 465 11.61 33.20 24.89
CA SER B 465 12.05 34.34 24.09
C SER B 465 13.56 34.60 24.16
N GLU B 466 14.29 33.75 24.89
CA GLU B 466 15.75 33.74 24.86
C GLU B 466 16.28 32.44 24.28
N THR B 467 15.70 31.31 24.66
CA THR B 467 15.96 30.08 23.95
C THR B 467 15.30 30.11 22.57
N SER B 468 14.20 30.86 22.46
CA SER B 468 13.59 31.09 21.15
C SER B 468 14.53 31.87 20.24
N GLN B 469 15.36 32.74 20.81
CA GLN B 469 16.41 33.37 20.03
C GLN B 469 17.48 32.36 19.66
N ARG B 470 17.78 31.43 20.57
CA ARG B 470 18.85 30.46 20.34
C ARG B 470 18.44 29.38 19.35
N LEU B 471 17.16 28.99 19.33
CA LEU B 471 16.73 27.98 18.37
C LEU B 471 16.57 28.58 16.98
N ALA B 472 16.00 29.78 16.87
CA ALA B 472 15.79 30.41 15.57
C ALA B 472 17.12 30.63 14.86
N ASN B 473 18.13 31.01 15.62
CA ASN B 473 19.46 31.17 15.08
C ASN B 473 20.11 29.82 14.77
N LEU B 474 19.86 28.79 15.61
CA LEU B 474 20.46 27.48 15.37
C LEU B 474 19.95 26.84 14.09
N ARG B 475 18.63 26.90 13.83
CA ARG B 475 18.11 26.28 12.61
C ARG B 475 18.57 27.02 11.36
N GLN B 476 18.78 28.34 11.46
CA GLN B 476 19.16 29.11 10.28
C GLN B 476 20.49 28.64 9.69
N ARG B 477 21.46 28.32 10.53
CA ARG B 477 22.71 27.79 9.99
C ARG B 477 22.57 26.33 9.60
N VAL B 478 21.67 25.60 10.25
CA VAL B 478 21.36 24.23 9.81
C VAL B 478 20.65 24.28 8.47
N GLU B 479 19.74 25.23 8.28
CA GLU B 479 19.10 25.41 6.99
C GLU B 479 20.11 25.85 5.94
N GLN B 480 21.00 26.77 6.28
CA GLN B 480 22.02 27.21 5.33
C GLN B 480 23.00 26.10 4.98
N PHE B 481 23.31 25.22 5.94
CA PHE B 481 24.20 24.10 5.66
C PHE B 481 23.49 23.03 4.85
N ALA B 482 22.26 22.67 5.23
CA ALA B 482 21.58 21.58 4.55
C ALA B 482 21.29 21.92 3.09
N ARG B 483 20.99 23.18 2.80
CA ARG B 483 20.67 23.59 1.44
C ARG B 483 21.86 23.52 0.50
N ALA B 484 23.09 23.40 1.02
CA ALA B 484 24.28 23.44 0.17
C ALA B 484 24.61 22.10 -0.49
N PHE B 485 23.88 21.04 -0.18
CA PHE B 485 24.16 19.75 -0.75
C PHE B 485 23.09 19.35 -1.76
N PRO B 486 23.43 18.55 -2.77
CA PRO B 486 22.41 18.10 -3.72
C PRO B 486 21.37 17.23 -3.04
N MET B 487 20.21 17.14 -3.69
CA MET B 487 19.08 16.40 -3.13
C MET B 487 18.40 15.59 -4.22
N PRO B 488 18.34 14.27 -4.08
CA PRO B 488 17.66 13.45 -5.10
C PRO B 488 16.20 13.84 -5.25
N GLY B 489 15.67 13.58 -6.44
CA GLY B 489 14.31 13.97 -6.78
C GLY B 489 14.25 15.22 -7.63
N PHE B 490 13.04 15.69 -7.83
CA PHE B 490 12.77 16.87 -8.64
C PHE B 490 13.26 18.14 -7.95
N ASP B 491 13.75 19.09 -8.76
CA ASP B 491 14.16 20.38 -8.21
C ASP B 491 13.00 21.11 -7.56
N GLU B 492 11.79 20.89 -8.08
CA GLU B 492 10.60 21.68 -7.70
C GLU B 492 9.72 20.98 -6.68
N HIS B 493 9.60 19.65 -6.76
CA HIS B 493 8.58 18.95 -6.00
C HIS B 493 9.05 17.55 -5.60
C02 I6I C . -16.07 -9.86 -8.35
C04 I6I C . -13.97 -9.79 -7.01
C05 I6I C . -12.87 -9.05 -10.46
C06 I6I C . -11.67 -8.99 -9.77
C08 I6I C . -13.18 -9.46 -8.28
C09 I6I C . -13.84 -9.35 -9.49
C12 I6I C . -10.87 -16.88 -6.80
C14 I6I C . -11.74 -15.89 -7.24
C15 I6I C . -9.12 -15.26 -6.61
C16 I6I C . -11.29 -14.57 -7.35
C17 I6I C . -11.35 -18.36 -6.65
N19 I6I C . -11.62 -19.17 -7.86
C20 I6I C . -12.07 -20.57 -7.70
C21 I6I C . -11.07 -21.50 -8.43
O24 I6I C . -9.50 -23.72 -7.86
C26 I6I C . -13.49 -20.73 -8.24
C29 I6I C . -10.85 -9.28 -7.46
C30 I6I C . -9.83 -10.38 -7.77
C31 I6I C . -10.43 -11.80 -7.79
C32 I6I C . -9.44 -12.81 -7.16
C33 I6I C . -9.98 -14.26 -7.05
C34 I6I C . -7.05 -24.03 -6.47
C13 I6I C . -9.56 -16.56 -6.48
C22 I6I C . -9.62 -21.35 -7.86
C23 I6I C . -8.98 -22.71 -7.53
C35 I6I C . -5.92 -24.32 -7.49
C36 I6I C . -6.05 -25.72 -8.15
C37 I6I C . -5.37 -25.75 -9.56
C40 I6I C . -6.53 -23.98 -5.03
C43 I6I C . -6.48 -28.00 -10.09
C44 I6I C . -5.68 -29.31 -10.17
C45 I6I C . -6.42 -30.48 -9.50
C46 I6I C . -6.12 -31.83 -10.18
C49 I6I C . -7.70 -28.03 -10.99
F24 I6I C . -8.70 -17.55 -6.05
N01 I6I C . -15.31 -9.55 -9.56
N03 I6I C . -15.39 -9.98 -7.07
N07 I6I C . -11.88 -9.24 -8.49
N11 I6I C . -17.51 -10.06 -8.41
N25 I6I C . -7.69 -22.74 -6.79
N39 I6I C . -5.61 -26.88 -10.47
O10 I6I C . -13.42 -9.89 -5.96
O18 I6I C . -11.48 -18.84 -5.58
O27 I6I C . -13.81 -20.19 -9.33
O28 I6I C . -14.33 -21.42 -7.60
O38 I6I C . -4.68 -24.85 -9.89
O41 I6I C . -6.38 -22.86 -4.46
O42 I6I C . -6.26 -25.04 -4.42
O47 I6I C . -7.06 -32.51 -10.65
O48 I6I C . -4.94 -32.25 -10.24
O50 I6I C . -7.62 -28.56 -12.14
O51 I6I C . -8.79 -27.53 -10.61
#